data_4IQG
#
_entry.id   4IQG
#
_cell.length_a   68.142
_cell.length_b   97.710
_cell.length_c   70.665
_cell.angle_alpha   90.00
_cell.angle_beta   97.32
_cell.angle_gamma   90.00
#
_symmetry.space_group_name_H-M   'P 1 21 1'
#
loop_
_entity.id
_entity.type
_entity.pdbx_description
1 polymer 'Short-chain dehydrogenase/reductase SDR'
2 non-polymer 'FORMIC ACID'
3 non-polymer 'NADP NICOTINAMIDE-ADENINE-DINUCLEOTIDE PHOSPHATE'
4 non-polymer GLYCEROL
5 non-polymer DI(HYDROXYETHYL)ETHER
6 water water
#
_entity_poly.entity_id   1
_entity_poly.type   'polypeptide(L)'
_entity_poly.pdbx_seq_one_letter_code
;(MSE)HHHHHHSSGVDLGTENLYFQS(MSE)LSKVVLITGGSRGIGAASALLAARQGYAVAVNYASNSAAADEVVRQIRE
AGGQALAVQADVAKEREVLA(MSE)FETVDAQLGRLSALVNNAGVVDQTTRVDGITLERLQR(MSE)FEINVFGSFLCAR
EAVKR(MSE)STRYGGSGGSIVNVSSAAARLGSPGQYVDYAAAKGAIDTFTLGLAKEVATEGIRVNAVRPGIIETDIHAS
GGLPNRARDVAPQVP(MSE)QRAGTAREVAEAIVWLLGDQASYTTGALLDVTGGR
;
_entity_poly.pdbx_strand_id   C,A,B,D
#
loop_
_chem_comp.id
_chem_comp.type
_chem_comp.name
_chem_comp.formula
FMT non-polymer 'FORMIC ACID' 'C H2 O2'
GOL non-polymer GLYCEROL 'C3 H8 O3'
NAP non-polymer 'NADP NICOTINAMIDE-ADENINE-DINUCLEOTIDE PHOSPHATE' 'C21 H28 N7 O17 P3'
PEG non-polymer DI(HYDROXYETHYL)ETHER 'C4 H10 O3'
#
# COMPACT_ATOMS: atom_id res chain seq x y z
N SER A 25 -19.49 18.07 27.96
CA SER A 25 -19.87 17.77 26.58
C SER A 25 -18.67 17.96 25.67
N LYS A 26 -18.19 16.92 25.00
CA LYS A 26 -17.07 17.04 24.12
C LYS A 26 -17.49 17.87 22.89
N VAL A 27 -16.59 18.67 22.36
CA VAL A 27 -16.85 19.55 21.26
C VAL A 27 -16.10 19.01 20.01
N VAL A 28 -16.83 18.95 18.90
CA VAL A 28 -16.28 18.56 17.61
C VAL A 28 -16.47 19.67 16.59
N LEU A 29 -15.40 20.03 15.90
CA LEU A 29 -15.47 20.95 14.78
C LEU A 29 -15.39 20.17 13.50
N ILE A 30 -16.41 20.37 12.65
CA ILE A 30 -16.50 19.68 11.32
C ILE A 30 -16.37 20.70 10.23
N THR A 31 -15.26 20.66 9.50
CA THR A 31 -15.10 21.55 8.36
C THR A 31 -15.92 21.02 7.20
N GLY A 32 -16.51 21.94 6.46
CA GLY A 32 -17.55 21.58 5.47
C GLY A 32 -18.67 20.73 6.05
N GLY A 33 -19.19 21.15 7.19
CA GLY A 33 -20.25 20.45 7.88
C GLY A 33 -21.66 20.68 7.39
N SER A 34 -21.81 21.51 6.38
CA SER A 34 -23.14 21.98 6.04
C SER A 34 -23.90 21.03 5.09
N ARG A 35 -23.20 20.16 4.39
CA ARG A 35 -23.81 19.30 3.39
C ARG A 35 -23.10 17.94 3.38
N GLY A 36 -23.73 16.96 2.74
CA GLY A 36 -23.09 15.72 2.43
C GLY A 36 -22.51 14.97 3.62
N ILE A 37 -21.29 14.47 3.45
CA ILE A 37 -20.62 13.71 4.49
C ILE A 37 -20.46 14.54 5.77
N GLY A 38 -20.11 15.82 5.61
CA GLY A 38 -19.93 16.66 6.79
C GLY A 38 -21.20 16.84 7.60
N ALA A 39 -22.30 17.05 6.93
CA ALA A 39 -23.61 17.17 7.59
C ALA A 39 -24.05 15.88 8.30
N ALA A 40 -23.87 14.75 7.61
CA ALA A 40 -24.18 13.43 8.20
C ALA A 40 -23.34 13.16 9.43
N SER A 41 -22.08 13.62 9.43
CA SER A 41 -21.18 13.48 10.55
C SER A 41 -21.59 14.37 11.73
N ALA A 42 -22.04 15.56 11.40
CA ALA A 42 -22.53 16.49 12.38
C ALA A 42 -23.73 15.94 13.11
N LEU A 43 -24.67 15.40 12.35
CA LEU A 43 -25.89 14.84 12.93
C LEU A 43 -25.57 13.63 13.82
N LEU A 44 -24.71 12.73 13.34
CA LEU A 44 -24.36 11.55 14.11
C LEU A 44 -23.55 11.87 15.35
N ALA A 45 -22.61 12.81 15.24
CA ALA A 45 -21.82 13.22 16.37
C ALA A 45 -22.70 13.79 17.49
N ALA A 46 -23.68 14.56 17.08
CA ALA A 46 -24.60 15.11 18.04
C ALA A 46 -25.40 14.01 18.74
N ARG A 47 -25.83 13.00 17.99
CA ARG A 47 -26.57 11.87 18.58
C ARG A 47 -25.69 11.15 19.61
N GLN A 48 -24.38 11.17 19.40
CA GLN A 48 -23.43 10.56 20.30
C GLN A 48 -23.03 11.48 21.47
N GLY A 49 -23.59 12.67 21.51
CA GLY A 49 -23.36 13.56 22.65
C GLY A 49 -22.35 14.67 22.45
N TYR A 50 -21.78 14.82 21.26
CA TYR A 50 -20.89 15.95 21.01
C TYR A 50 -21.69 17.26 20.80
N ALA A 51 -21.14 18.35 21.27
CA ALA A 51 -21.55 19.66 20.78
C ALA A 51 -20.80 19.86 19.47
N VAL A 52 -21.48 20.36 18.45
CA VAL A 52 -20.91 20.38 17.10
C VAL A 52 -20.78 21.82 16.54
N ALA A 53 -19.56 22.18 16.15
CA ALA A 53 -19.36 23.37 15.34
C ALA A 53 -19.41 23.01 13.88
N VAL A 54 -20.39 23.54 13.18
CA VAL A 54 -20.67 23.19 11.77
C VAL A 54 -20.10 24.29 10.90
N ASN A 55 -18.95 24.03 10.30
CA ASN A 55 -18.29 25.05 9.47
C ASN A 55 -18.88 25.04 8.06
N TYR A 56 -18.90 26.23 7.49
CA TYR A 56 -19.31 26.40 6.08
C TYR A 56 -18.54 27.52 5.49
N ALA A 57 -18.41 27.48 4.17
CA ALA A 57 -17.67 28.47 3.46
C ALA A 57 -18.62 29.64 3.05
N SER A 58 -19.78 29.29 2.51
CA SER A 58 -20.78 30.37 2.11
C SER A 58 -22.26 29.99 2.28
N ASN A 59 -22.56 28.69 2.48
CA ASN A 59 -23.95 28.22 2.42
C ASN A 59 -24.46 28.19 3.82
N SER A 60 -24.75 29.38 4.30
CA SER A 60 -25.19 29.56 5.66
CA SER A 60 -25.18 29.56 5.67
C SER A 60 -26.50 28.83 5.89
N ALA A 61 -27.37 28.85 4.87
CA ALA A 61 -28.69 28.22 4.99
C ALA A 61 -28.53 26.72 5.27
N ALA A 62 -27.62 26.08 4.58
CA ALA A 62 -27.44 24.62 4.77
C ALA A 62 -26.87 24.33 6.15
N ALA A 63 -25.86 25.09 6.54
CA ALA A 63 -25.30 24.98 7.88
C ALA A 63 -26.35 25.25 8.96
N ASP A 64 -27.15 26.28 8.77
CA ASP A 64 -28.26 26.58 9.74
C ASP A 64 -29.25 25.45 9.84
N GLU A 65 -29.50 24.79 8.70
CA GLU A 65 -30.40 23.65 8.70
C GLU A 65 -29.82 22.45 9.48
N VAL A 66 -28.52 22.19 9.33
CA VAL A 66 -27.89 21.14 10.14
C VAL A 66 -27.97 21.48 11.65
N VAL A 67 -27.69 22.74 11.99
CA VAL A 67 -27.78 23.19 13.36
C VAL A 67 -29.21 23.06 13.89
N ARG A 68 -30.19 23.43 13.06
CA ARG A 68 -31.59 23.34 13.44
C ARG A 68 -31.92 21.90 13.83
N GLN A 69 -31.56 20.96 12.96
CA GLN A 69 -31.86 19.55 13.20
C GLN A 69 -31.22 19.07 14.50
N ILE A 70 -29.99 19.47 14.72
CA ILE A 70 -29.30 19.09 15.98
C ILE A 70 -30.03 19.62 17.21
N ARG A 71 -30.35 20.91 17.19
CA ARG A 71 -31.00 21.52 18.31
C ARG A 71 -32.39 20.95 18.53
N GLU A 72 -33.10 20.67 17.45
CA GLU A 72 -34.48 20.20 17.57
C GLU A 72 -34.50 18.81 18.18
N ALA A 73 -33.42 18.06 17.98
CA ALA A 73 -33.29 16.74 18.61
C ALA A 73 -32.69 16.80 20.04
N GLY A 74 -32.47 18.00 20.58
CA GLY A 74 -31.94 18.21 21.93
C GLY A 74 -30.44 18.41 22.10
N GLY A 75 -29.70 18.50 20.99
CA GLY A 75 -28.26 18.73 21.02
C GLY A 75 -27.87 20.20 21.02
N GLN A 76 -26.56 20.43 21.12
CA GLN A 76 -25.94 21.73 20.97
C GLN A 76 -25.10 21.84 19.68
N ALA A 77 -25.25 22.96 19.00
CA ALA A 77 -24.50 23.21 17.78
C ALA A 77 -24.46 24.68 17.45
N LEU A 78 -23.51 25.03 16.62
CA LEU A 78 -23.24 26.42 16.21
C LEU A 78 -22.72 26.41 14.80
N ALA A 79 -23.22 27.27 13.96
CA ALA A 79 -22.70 27.35 12.59
C ALA A 79 -21.57 28.37 12.59
N VAL A 80 -20.47 28.07 11.95
CA VAL A 80 -19.32 28.95 11.93
C VAL A 80 -18.73 29.08 10.52
N GLN A 81 -18.73 30.30 10.02
CA GLN A 81 -18.27 30.52 8.70
C GLN A 81 -16.74 30.55 8.74
N ALA A 82 -16.11 29.91 7.77
CA ALA A 82 -14.71 30.15 7.45
C ALA A 82 -14.30 29.42 6.16
N ASP A 83 -13.47 30.07 5.35
CA ASP A 83 -12.80 29.46 4.22
C ASP A 83 -11.50 28.91 4.75
N VAL A 84 -11.39 27.57 4.80
CA VAL A 84 -10.26 26.95 5.48
C VAL A 84 -8.94 27.25 4.83
N ALA A 85 -8.96 27.77 3.63
CA ALA A 85 -7.73 28.13 2.94
C ALA A 85 -7.22 29.50 3.39
N LYS A 86 -8.02 30.22 4.17
CA LYS A 86 -7.63 31.55 4.72
C LYS A 86 -7.24 31.53 6.18
N GLU A 87 -5.96 31.72 6.44
CA GLU A 87 -5.39 31.53 7.77
C GLU A 87 -6.12 32.34 8.82
N ARG A 88 -6.39 33.62 8.53
CA ARG A 88 -7.09 34.48 9.50
C ARG A 88 -8.51 33.95 9.83
N GLU A 89 -9.15 33.35 8.84
CA GLU A 89 -10.53 32.83 9.03
C GLU A 89 -10.54 31.51 9.82
N VAL A 90 -9.53 30.71 9.62
CA VAL A 90 -9.29 29.51 10.43
C VAL A 90 -9.07 29.93 11.91
N LEU A 91 -8.21 30.94 12.14
CA LEU A 91 -7.95 31.39 13.50
C LEU A 91 -9.23 31.90 14.13
N ALA A 92 -9.95 32.75 13.41
CA ALA A 92 -11.17 33.32 13.95
C ALA A 92 -12.19 32.22 14.29
N MSE A 93 -12.31 31.24 13.40
CA MSE A 93 -13.24 30.11 13.61
C MSE A 93 -12.88 29.38 14.89
O MSE A 93 -13.76 29.09 15.69
CB MSE A 93 -13.23 29.12 12.43
CG MSE A 93 -13.80 27.74 12.78
SE MSE A 93 -13.96 26.68 11.12
CE MSE A 93 -12.08 26.47 10.69
N PHE A 94 -11.62 29.09 15.10
CA PHE A 94 -11.22 28.36 16.33
C PHE A 94 -11.47 29.23 17.59
N GLU A 95 -11.29 30.54 17.46
CA GLU A 95 -11.51 31.45 18.57
C GLU A 95 -12.98 31.47 18.91
N THR A 96 -13.84 31.39 17.90
CA THR A 96 -15.26 31.41 18.09
C THR A 96 -15.69 30.15 18.81
N VAL A 97 -15.17 29.03 18.34
CA VAL A 97 -15.44 27.76 19.00
C VAL A 97 -14.98 27.80 20.46
N ASP A 98 -13.77 28.27 20.70
CA ASP A 98 -13.23 28.43 22.07
C ASP A 98 -14.21 29.19 22.96
N ALA A 99 -14.67 30.34 22.45
CA ALA A 99 -15.55 31.21 23.21
C ALA A 99 -16.93 30.65 23.42
N GLN A 100 -17.49 30.02 22.41
CA GLN A 100 -18.92 29.71 22.45
C GLN A 100 -19.24 28.30 22.84
N LEU A 101 -18.32 27.38 22.53
CA LEU A 101 -18.55 25.96 22.78
C LEU A 101 -17.56 25.38 23.78
N GLY A 102 -16.34 25.88 23.76
CA GLY A 102 -15.30 25.47 24.67
C GLY A 102 -14.18 24.80 23.89
N ARG A 103 -13.24 24.24 24.60
CA ARG A 103 -12.08 23.70 23.94
C ARG A 103 -12.42 22.38 23.20
N LEU A 104 -11.98 22.24 21.97
CA LEU A 104 -12.40 21.13 21.21
C LEU A 104 -11.73 19.82 21.64
N SER A 105 -12.50 18.74 21.49
CA SER A 105 -11.98 17.40 21.70
C SER A 105 -11.77 16.68 20.38
N ALA A 106 -12.33 17.21 19.31
CA ALA A 106 -12.33 16.48 18.06
C ALA A 106 -12.41 17.43 16.88
N LEU A 107 -11.80 17.01 15.78
CA LEU A 107 -11.78 17.78 14.53
C LEU A 107 -12.00 16.84 13.36
N VAL A 108 -12.97 17.15 12.50
CA VAL A 108 -13.14 16.42 11.23
C VAL A 108 -12.79 17.38 10.06
N ASN A 109 -11.72 17.06 9.39
CA ASN A 109 -11.24 17.82 8.20
C ASN A 109 -11.96 17.25 6.99
N ASN A 110 -13.13 17.78 6.72
CA ASN A 110 -13.98 17.30 5.66
C ASN A 110 -14.12 18.26 4.51
N ALA A 111 -13.83 19.55 4.74
CA ALA A 111 -13.97 20.56 3.70
C ALA A 111 -13.18 20.16 2.46
N GLY A 112 -13.79 20.25 1.31
CA GLY A 112 -13.14 19.68 0.16
C GLY A 112 -14.01 19.89 -1.03
N VAL A 113 -13.33 19.97 -2.17
CA VAL A 113 -13.99 20.25 -3.44
C VAL A 113 -13.35 19.36 -4.50
N VAL A 114 -14.11 19.17 -5.56
CA VAL A 114 -13.59 18.60 -6.83
C VAL A 114 -13.61 19.78 -7.82
N ASP A 115 -13.54 19.48 -9.11
CA ASP A 115 -13.67 20.54 -10.11
C ASP A 115 -14.15 19.75 -11.32
N GLN A 116 -14.24 20.44 -12.44
CA GLN A 116 -14.63 19.79 -13.68
C GLN A 116 -13.68 18.65 -14.04
N THR A 117 -14.20 17.69 -14.77
CA THR A 117 -13.41 16.63 -15.42
C THR A 117 -12.27 17.29 -16.19
N THR A 118 -11.05 16.80 -16.01
CA THR A 118 -9.91 17.28 -16.78
C THR A 118 -8.85 16.21 -16.89
N ARG A 119 -8.09 16.32 -17.95
CA ARG A 119 -6.79 15.66 -18.05
C ARG A 119 -5.76 16.57 -17.48
N VAL A 120 -4.63 15.98 -17.09
CA VAL A 120 -3.48 16.76 -16.64
C VAL A 120 -3.02 17.76 -17.69
N ASP A 121 -3.07 17.39 -18.96
CA ASP A 121 -2.58 18.29 -19.96
C ASP A 121 -3.53 19.52 -20.16
N GLY A 122 -4.65 19.55 -19.44
CA GLY A 122 -5.58 20.70 -19.42
C GLY A 122 -5.60 21.43 -18.08
N ILE A 123 -4.72 21.07 -17.15
CA ILE A 123 -4.68 21.65 -15.80
CA ILE A 123 -4.74 21.65 -15.79
C ILE A 123 -4.06 23.04 -15.77
N THR A 124 -4.69 23.97 -15.10
CA THR A 124 -4.09 25.30 -14.92
C THR A 124 -3.52 25.41 -13.53
N LEU A 125 -2.62 26.36 -13.34
CA LEU A 125 -2.08 26.61 -12.01
C LEU A 125 -3.17 27.08 -11.09
N GLU A 126 -4.06 27.94 -11.57
CA GLU A 126 -5.14 28.41 -10.72
C GLU A 126 -6.01 27.24 -10.19
N ARG A 127 -6.31 26.29 -11.05
CA ARG A 127 -7.05 25.07 -10.61
C ARG A 127 -6.31 24.28 -9.51
N LEU A 128 -5.03 24.06 -9.72
CA LEU A 128 -4.20 23.36 -8.77
C LEU A 128 -4.15 24.07 -7.43
N GLN A 129 -3.97 25.35 -7.48
CA GLN A 129 -3.89 26.19 -6.30
C GLN A 129 -5.14 26.02 -5.46
N ARG A 130 -6.28 26.16 -6.07
CA ARG A 130 -7.59 25.99 -5.40
C ARG A 130 -7.76 24.61 -4.82
N MSE A 131 -7.50 23.63 -5.64
CA MSE A 131 -7.64 22.17 -5.23
C MSE A 131 -6.82 21.89 -3.99
O MSE A 131 -7.30 21.27 -3.02
CB MSE A 131 -7.20 21.32 -6.42
CG MSE A 131 -7.38 19.80 -6.21
SE MSE A 131 -9.35 19.47 -6.17
CE MSE A 131 -9.65 19.65 -8.09
N PHE A 132 -5.56 22.32 -3.99
CA PHE A 132 -4.68 22.04 -2.87
C PHE A 132 -4.88 22.93 -1.65
N GLU A 133 -5.16 24.18 -1.86
CA GLU A 133 -5.35 25.05 -0.72
C GLU A 133 -6.59 24.63 0.14
N ILE A 134 -7.66 24.18 -0.47
CA ILE A 134 -8.85 23.75 0.25
C ILE A 134 -8.63 22.36 0.79
N ASN A 135 -8.28 21.41 -0.09
CA ASN A 135 -8.21 20.02 0.34
C ASN A 135 -7.04 19.74 1.28
N VAL A 136 -5.89 20.42 1.07
CA VAL A 136 -4.69 20.09 1.77
C VAL A 136 -4.34 21.18 2.80
N PHE A 137 -4.12 22.40 2.32
CA PHE A 137 -3.63 23.44 3.22
C PHE A 137 -4.65 23.69 4.37
N GLY A 138 -5.93 23.70 4.04
CA GLY A 138 -7.00 23.84 5.05
C GLY A 138 -6.91 22.77 6.12
N SER A 139 -6.64 21.54 5.72
CA SER A 139 -6.51 20.43 6.67
C SER A 139 -5.27 20.57 7.57
N PHE A 140 -4.16 21.06 7.02
CA PHE A 140 -2.99 21.38 7.83
C PHE A 140 -3.26 22.52 8.82
N LEU A 141 -3.89 23.56 8.34
CA LEU A 141 -4.12 24.73 9.20
C LEU A 141 -5.09 24.39 10.34
N CYS A 142 -6.16 23.67 10.00
CA CYS A 142 -7.16 23.28 11.05
C CYS A 142 -6.53 22.33 12.03
N ALA A 143 -5.71 21.41 11.53
CA ALA A 143 -4.99 20.50 12.41
C ALA A 143 -3.99 21.21 13.31
N ARG A 144 -3.32 22.23 12.81
CA ARG A 144 -2.40 23.03 13.60
C ARG A 144 -3.13 23.61 14.84
N GLU A 145 -4.23 24.31 14.57
CA GLU A 145 -5.00 24.95 15.62
C GLU A 145 -5.59 23.92 16.58
N ALA A 146 -5.97 22.75 16.06
CA ALA A 146 -6.50 21.69 16.90
C ALA A 146 -5.43 21.12 17.81
N VAL A 147 -4.27 20.83 17.24
CA VAL A 147 -3.15 20.33 18.05
C VAL A 147 -2.75 21.29 19.17
N LYS A 148 -2.72 22.58 18.86
CA LYS A 148 -2.37 23.56 19.85
C LYS A 148 -3.27 23.49 21.07
N ARG A 149 -4.53 23.16 20.85
CA ARG A 149 -5.56 23.12 21.92
C ARG A 149 -5.65 21.78 22.59
N MSE A 150 -5.51 20.74 21.79
CA MSE A 150 -5.59 19.40 22.30
C MSE A 150 -4.38 18.85 23.01
O MSE A 150 -4.53 18.02 23.90
CB MSE A 150 -5.84 18.47 21.09
CG MSE A 150 -7.29 18.44 20.68
SE MSE A 150 -7.28 17.49 18.84
CE MSE A 150 -9.21 17.80 18.58
N SER A 151 -3.20 19.12 22.47
CA SER A 151 -1.98 18.40 22.93
C SER A 151 -1.79 18.52 24.46
N THR A 152 -1.49 17.39 25.10
CA THR A 152 -1.08 17.39 26.50
C THR A 152 0.22 18.17 26.74
N ARG A 153 0.99 18.42 25.70
CA ARG A 153 2.25 19.20 25.77
C ARG A 153 1.92 20.64 26.14
N TYR A 154 0.74 21.09 25.82
CA TYR A 154 0.31 22.45 26.11
C TYR A 154 -0.75 22.48 27.18
N GLY A 155 -0.90 21.38 27.93
CA GLY A 155 -1.90 21.33 29.01
C GLY A 155 -3.29 20.95 28.56
N GLY A 156 -3.42 20.50 27.32
CA GLY A 156 -4.72 20.05 26.85
C GLY A 156 -4.98 18.63 27.34
N SER A 157 -6.14 18.07 27.04
CA SER A 157 -6.53 16.75 27.53
C SER A 157 -6.60 15.73 26.42
N GLY A 158 -6.04 16.08 25.28
CA GLY A 158 -5.91 15.16 24.16
C GLY A 158 -7.09 15.32 23.25
N GLY A 159 -7.18 14.46 22.24
CA GLY A 159 -8.31 14.57 21.33
C GLY A 159 -8.14 13.65 20.14
N SER A 160 -8.98 13.84 19.13
CA SER A 160 -8.99 13.00 17.95
C SER A 160 -9.29 13.81 16.69
N ILE A 161 -8.56 13.50 15.63
CA ILE A 161 -8.70 14.18 14.35
C ILE A 161 -8.94 13.13 13.25
N VAL A 162 -9.97 13.37 12.45
CA VAL A 162 -10.25 12.52 11.32
C VAL A 162 -10.12 13.39 10.07
N ASN A 163 -9.27 12.94 9.15
CA ASN A 163 -9.18 13.59 7.84
C ASN A 163 -10.02 12.82 6.81
N VAL A 164 -10.73 13.52 5.96
CA VAL A 164 -11.51 12.82 4.90
C VAL A 164 -10.70 12.84 3.63
N SER A 165 -10.23 11.67 3.27
CA SER A 165 -9.43 11.45 2.09
C SER A 165 -10.36 10.93 0.99
N SER A 166 -9.94 9.92 0.22
CA SER A 166 -10.75 9.36 -0.84
C SER A 166 -10.05 8.07 -1.37
N ALA A 167 -10.83 7.13 -1.89
CA ALA A 167 -10.26 6.05 -2.69
C ALA A 167 -9.36 6.59 -3.81
N ALA A 168 -9.62 7.81 -4.29
CA ALA A 168 -8.83 8.39 -5.32
C ALA A 168 -7.37 8.48 -4.96
N ALA A 169 -7.08 8.58 -3.67
CA ALA A 169 -5.67 8.60 -3.21
C ALA A 169 -4.92 7.35 -3.67
N ARG A 170 -5.63 6.23 -3.76
CA ARG A 170 -5.05 4.99 -4.20
C ARG A 170 -5.22 4.81 -5.69
N LEU A 171 -6.29 5.32 -6.29
CA LEU A 171 -6.62 4.96 -7.70
C LEU A 171 -6.14 5.97 -8.75
N GLY A 172 -6.05 7.24 -8.34
CA GLY A 172 -5.48 8.30 -9.14
C GLY A 172 -6.40 9.14 -10.04
N SER A 173 -7.68 8.77 -10.14
CA SER A 173 -8.67 9.47 -10.92
C SER A 173 -8.21 9.86 -12.35
N PRO A 174 -7.63 8.92 -13.08
CA PRO A 174 -7.13 9.25 -14.41
C PRO A 174 -8.22 9.77 -15.33
N GLY A 175 -7.91 10.81 -16.09
CA GLY A 175 -8.80 11.35 -17.04
C GLY A 175 -9.98 12.10 -16.44
N GLN A 176 -9.97 12.28 -15.13
CA GLN A 176 -11.07 12.91 -14.38
C GLN A 176 -10.54 14.05 -13.51
N TYR A 177 -9.71 13.73 -12.54
CA TYR A 177 -9.09 14.74 -11.70
C TYR A 177 -7.90 14.23 -10.89
N VAL A 178 -6.79 14.04 -11.61
CA VAL A 178 -5.58 13.54 -11.03
C VAL A 178 -5.09 14.50 -9.97
N ASP A 179 -5.35 15.78 -10.18
CA ASP A 179 -5.05 16.76 -9.11
C ASP A 179 -5.79 16.53 -7.78
N TYR A 180 -7.08 16.25 -7.86
CA TYR A 180 -7.87 15.92 -6.68
C TYR A 180 -7.31 14.66 -6.01
N ALA A 181 -7.02 13.67 -6.83
CA ALA A 181 -6.46 12.42 -6.30
C ALA A 181 -5.13 12.66 -5.59
N ALA A 182 -4.27 13.43 -6.21
CA ALA A 182 -2.99 13.81 -5.59
C ALA A 182 -3.16 14.54 -4.26
N ALA A 183 -4.10 15.47 -4.21
CA ALA A 183 -4.40 16.19 -2.95
C ALA A 183 -4.78 15.17 -1.84
N LYS A 184 -5.60 14.19 -2.21
CA LYS A 184 -6.01 13.14 -1.28
C LYS A 184 -4.89 12.20 -0.92
N GLY A 185 -3.97 11.87 -1.85
CA GLY A 185 -2.68 11.23 -1.50
C GLY A 185 -1.83 11.98 -0.47
N ALA A 186 -1.82 13.30 -0.57
CA ALA A 186 -1.16 14.17 0.42
C ALA A 186 -1.85 13.98 1.79
N ILE A 187 -3.16 13.91 1.79
CA ILE A 187 -3.93 13.74 3.03
C ILE A 187 -3.62 12.42 3.70
N ASP A 188 -3.48 11.37 2.90
CA ASP A 188 -3.10 10.06 3.50
C ASP A 188 -1.75 10.11 4.20
N THR A 189 -0.75 10.70 3.54
CA THR A 189 0.58 10.80 4.09
C THR A 189 0.59 11.73 5.31
N PHE A 190 -0.12 12.84 5.20
CA PHE A 190 -0.28 13.78 6.32
C PHE A 190 -0.81 13.11 7.50
N THR A 191 -1.80 12.29 7.30
CA THR A 191 -2.47 11.55 8.36
C THR A 191 -1.46 10.69 9.13
N LEU A 192 -0.67 9.92 8.39
CA LEU A 192 0.32 9.06 8.97
CA LEU A 192 0.34 9.03 8.96
C LEU A 192 1.40 9.82 9.71
N GLY A 193 1.92 10.86 9.07
CA GLY A 193 2.97 11.68 9.66
C GLY A 193 2.52 12.41 10.91
N LEU A 194 1.38 13.03 10.82
CA LEU A 194 0.87 13.76 12.00
C LEU A 194 0.54 12.82 13.11
N ALA A 195 -0.08 11.70 12.80
CA ALA A 195 -0.35 10.66 13.84
C ALA A 195 0.90 10.29 14.62
N LYS A 196 1.99 10.01 13.91
CA LYS A 196 3.21 9.62 14.56
C LYS A 196 3.78 10.78 15.42
N GLU A 197 3.63 12.00 14.90
CA GLU A 197 4.21 13.17 15.53
C GLU A 197 3.56 13.48 16.87
N VAL A 198 2.26 13.29 16.97
CA VAL A 198 1.47 13.64 18.22
C VAL A 198 1.01 12.46 19.05
N ALA A 199 1.57 11.27 18.77
CA ALA A 199 1.10 10.00 19.41
C ALA A 199 1.35 9.92 20.88
N THR A 200 2.30 10.70 21.40
CA THR A 200 2.53 10.77 22.84
C THR A 200 1.76 11.90 23.56
N GLU A 201 0.97 12.67 22.83
CA GLU A 201 0.36 13.90 23.29
C GLU A 201 -1.13 13.76 23.46
N GLY A 202 -1.61 12.52 23.49
CA GLY A 202 -3.02 12.26 23.76
C GLY A 202 -3.95 12.49 22.57
N ILE A 203 -3.36 12.63 21.38
CA ILE A 203 -4.07 12.90 20.13
C ILE A 203 -3.94 11.69 19.19
N ARG A 204 -5.06 11.27 18.65
CA ARG A 204 -5.06 10.30 17.53
C ARG A 204 -5.47 10.97 16.27
N VAL A 205 -4.91 10.48 15.15
CA VAL A 205 -5.14 11.11 13.85
C VAL A 205 -5.33 9.98 12.82
N ASN A 206 -6.49 9.97 12.20
CA ASN A 206 -6.86 8.89 11.24
C ASN A 206 -7.50 9.48 10.03
N ALA A 207 -7.66 8.65 8.99
CA ALA A 207 -8.39 9.11 7.80
C ALA A 207 -9.42 8.10 7.36
N VAL A 208 -10.51 8.57 6.83
N VAL A 208 -10.54 8.57 6.85
CA VAL A 208 -11.46 7.74 6.11
CA VAL A 208 -11.49 7.74 6.09
C VAL A 208 -11.28 7.99 4.61
C VAL A 208 -11.26 7.98 4.59
N ARG A 209 -11.34 6.93 3.81
CA ARG A 209 -11.24 7.06 2.36
C ARG A 209 -12.58 6.66 1.76
N PRO A 210 -13.51 7.62 1.53
CA PRO A 210 -14.73 7.19 0.93
C PRO A 210 -14.54 6.86 -0.56
N GLY A 211 -15.39 6.02 -1.07
CA GLY A 211 -15.45 5.74 -2.51
C GLY A 211 -16.44 6.68 -3.18
N ILE A 212 -17.39 6.14 -3.90
CA ILE A 212 -18.44 6.92 -4.54
C ILE A 212 -19.60 7.01 -3.68
N ILE A 213 -19.89 8.23 -3.25
CA ILE A 213 -20.91 8.52 -2.28
C ILE A 213 -22.02 9.40 -2.91
N GLU A 214 -23.26 9.14 -2.56
CA GLU A 214 -24.39 9.97 -2.96
C GLU A 214 -24.38 11.33 -2.24
N THR A 215 -23.73 12.32 -2.84
CA THR A 215 -23.75 13.76 -2.39
C THR A 215 -23.84 14.69 -3.60
N ASP A 216 -23.93 16.00 -3.30
CA ASP A 216 -23.90 17.10 -4.30
C ASP A 216 -22.53 17.28 -4.98
N ILE A 217 -21.48 16.67 -4.44
CA ILE A 217 -20.12 16.98 -4.93
C ILE A 217 -19.94 16.66 -6.44
N HIS A 218 -20.56 15.57 -6.88
CA HIS A 218 -20.44 15.11 -8.29
C HIS A 218 -21.07 16.15 -9.21
N ALA A 219 -22.29 16.61 -8.86
CA ALA A 219 -22.96 17.73 -9.58
C ALA A 219 -22.10 19.02 -9.60
N SER A 220 -21.42 19.33 -8.49
CA SER A 220 -20.55 20.55 -8.41
C SER A 220 -19.43 20.55 -9.48
N GLY A 221 -18.96 19.35 -9.87
CA GLY A 221 -17.96 19.18 -10.93
C GLY A 221 -18.53 18.89 -12.34
N GLY A 222 -19.84 19.07 -12.51
CA GLY A 222 -20.50 18.85 -13.80
C GLY A 222 -20.97 17.43 -14.12
N LEU A 223 -20.95 16.52 -13.13
CA LEU A 223 -21.36 15.10 -13.32
C LEU A 223 -22.47 14.69 -12.32
N PRO A 224 -23.68 15.28 -12.49
CA PRO A 224 -24.75 15.04 -11.51
C PRO A 224 -25.20 13.58 -11.36
N ASN A 225 -25.06 12.77 -12.43
CA ASN A 225 -25.45 11.31 -12.43
C ASN A 225 -24.32 10.32 -12.07
N ARG A 226 -23.20 10.87 -11.60
CA ARG A 226 -22.00 10.04 -11.38
C ARG A 226 -22.20 8.87 -10.37
N ALA A 227 -22.86 9.13 -9.25
CA ALA A 227 -23.11 8.03 -8.26
C ALA A 227 -23.79 6.80 -8.97
N ARG A 228 -24.85 7.09 -9.76
CA ARG A 228 -25.61 6.07 -10.55
C ARG A 228 -24.80 5.42 -11.68
N ASP A 229 -24.16 6.28 -12.48
CA ASP A 229 -23.35 5.82 -13.62
C ASP A 229 -22.17 4.90 -13.22
N VAL A 230 -21.50 5.21 -12.09
CA VAL A 230 -20.28 4.48 -11.70
C VAL A 230 -20.61 3.29 -10.76
N ALA A 231 -21.85 3.23 -10.27
CA ALA A 231 -22.24 2.10 -9.39
C ALA A 231 -21.89 0.68 -9.90
N PRO A 232 -22.12 0.39 -11.16
CA PRO A 232 -21.59 -0.84 -11.75
C PRO A 232 -20.08 -1.09 -11.64
N GLN A 233 -19.28 -0.05 -11.47
CA GLN A 233 -17.84 -0.16 -11.22
C GLN A 233 -17.48 -0.62 -9.80
N VAL A 234 -18.36 -0.38 -8.86
CA VAL A 234 -18.16 -0.67 -7.42
C VAL A 234 -18.48 -2.16 -7.16
N PRO A 235 -17.60 -2.88 -6.42
CA PRO A 235 -17.86 -4.36 -6.25
C PRO A 235 -19.25 -4.61 -5.61
N MSE A 236 -19.62 -3.79 -4.65
CA MSE A 236 -20.96 -3.87 -4.02
C MSE A 236 -22.11 -3.36 -4.90
O MSE A 236 -23.26 -3.54 -4.56
CB MSE A 236 -20.98 -3.16 -2.66
CG MSE A 236 -20.29 -3.96 -1.55
SE MSE A 236 -20.48 -3.11 0.30
CE MSE A 236 -22.34 -2.69 -0.04
N GLN A 237 -21.80 -2.78 -6.04
CA GLN A 237 -22.78 -2.40 -7.04
C GLN A 237 -23.73 -1.31 -6.60
N ARG A 238 -23.30 -0.42 -5.70
CA ARG A 238 -24.08 0.73 -5.39
C ARG A 238 -23.12 1.78 -4.83
N ALA A 239 -23.56 3.02 -4.91
CA ALA A 239 -22.90 4.09 -4.20
C ALA A 239 -23.17 3.99 -2.70
N GLY A 240 -22.25 4.53 -1.93
CA GLY A 240 -22.41 4.67 -0.49
C GLY A 240 -23.21 5.89 -0.11
N THR A 241 -23.67 5.91 1.14
CA THR A 241 -24.47 7.09 1.63
C THR A 241 -23.57 7.91 2.52
N ALA A 242 -23.94 9.15 2.68
CA ALA A 242 -23.17 10.00 3.57
C ALA A 242 -23.18 9.45 4.96
N ARG A 243 -24.30 8.90 5.39
CA ARG A 243 -24.43 8.35 6.69
C ARG A 243 -23.45 7.21 6.95
N GLU A 244 -23.22 6.41 5.94
CA GLU A 244 -22.25 5.31 6.07
C GLU A 244 -20.86 5.86 6.33
N VAL A 245 -20.48 6.92 5.62
CA VAL A 245 -19.18 7.52 5.85
C VAL A 245 -19.12 8.11 7.25
N ALA A 246 -20.18 8.79 7.65
CA ALA A 246 -20.25 9.44 8.96
C ALA A 246 -20.03 8.41 10.06
N GLU A 247 -20.62 7.23 9.92
CA GLU A 247 -20.40 6.17 10.91
C GLU A 247 -18.93 5.84 11.13
N ALA A 248 -18.14 5.76 10.06
CA ALA A 248 -16.74 5.49 10.16
C ALA A 248 -15.97 6.64 10.81
N ILE A 249 -16.36 7.87 10.43
CA ILE A 249 -15.72 9.04 10.96
C ILE A 249 -15.94 9.07 12.46
N VAL A 250 -17.21 8.90 12.86
CA VAL A 250 -17.54 9.06 14.30
C VAL A 250 -16.92 7.91 15.14
N TRP A 251 -16.85 6.70 14.58
CA TRP A 251 -16.13 5.62 15.25
C TRP A 251 -14.67 5.93 15.52
N LEU A 252 -13.99 6.47 14.52
CA LEU A 252 -12.58 6.78 14.64
C LEU A 252 -12.38 7.90 15.67
N LEU A 253 -13.35 8.82 15.73
CA LEU A 253 -13.22 9.93 16.68
C LEU A 253 -13.30 9.49 18.12
N GLY A 254 -14.05 8.43 18.38
CA GLY A 254 -14.42 8.01 19.73
C GLY A 254 -13.46 7.08 20.46
N ASP A 255 -13.80 6.77 21.72
CA ASP A 255 -12.91 6.04 22.57
C ASP A 255 -12.85 4.52 22.23
N GLN A 256 -13.74 4.01 21.40
CA GLN A 256 -13.66 2.60 21.01
C GLN A 256 -12.48 2.42 20.05
N ALA A 257 -11.95 3.50 19.49
CA ALA A 257 -10.80 3.42 18.59
C ALA A 257 -9.51 3.86 19.26
N SER A 258 -9.42 3.62 20.56
CA SER A 258 -8.36 4.17 21.44
C SER A 258 -6.90 3.71 21.13
N TYR A 259 -6.71 2.63 20.34
CA TYR A 259 -5.36 2.26 19.89
C TYR A 259 -5.22 2.39 18.40
N THR A 260 -6.11 3.10 17.77
CA THR A 260 -6.09 3.32 16.34
C THR A 260 -5.61 4.74 16.07
N THR A 261 -4.44 4.84 15.42
CA THR A 261 -3.91 6.11 14.96
C THR A 261 -3.01 5.86 13.78
N GLY A 262 -3.10 6.77 12.84
CA GLY A 262 -2.40 6.62 11.56
C GLY A 262 -3.11 5.63 10.62
N ALA A 263 -4.35 5.27 10.92
CA ALA A 263 -5.11 4.33 10.11
C ALA A 263 -5.78 5.04 8.95
N LEU A 264 -5.92 4.28 7.83
CA LEU A 264 -6.61 4.73 6.64
C LEU A 264 -7.77 3.78 6.41
N LEU A 265 -9.00 4.23 6.72
CA LEU A 265 -10.16 3.35 6.73
C LEU A 265 -10.99 3.53 5.49
N ASP A 266 -10.97 2.51 4.63
CA ASP A 266 -11.71 2.55 3.39
C ASP A 266 -13.19 2.31 3.58
N VAL A 267 -14.01 3.23 3.04
CA VAL A 267 -15.46 3.15 3.02
C VAL A 267 -15.94 3.28 1.57
N THR A 268 -15.79 2.20 0.83
CA THR A 268 -15.82 2.28 -0.62
C THR A 268 -16.63 1.21 -1.33
N GLY A 269 -17.31 0.34 -0.60
CA GLY A 269 -17.95 -0.76 -1.25
C GLY A 269 -17.02 -1.71 -2.00
N GLY A 270 -15.73 -1.70 -1.65
CA GLY A 270 -14.73 -2.56 -2.28
C GLY A 270 -13.87 -1.91 -3.33
N ARG A 271 -14.24 -0.69 -3.71
CA ARG A 271 -13.45 0.07 -4.71
C ARG A 271 -12.13 0.56 -4.08
N LEU B 24 17.77 12.62 -34.18
CA LEU B 24 18.98 12.01 -33.59
C LEU B 24 18.80 11.82 -32.10
N SER B 25 19.49 12.60 -31.27
CA SER B 25 19.47 12.25 -29.86
C SER B 25 18.11 12.54 -29.25
N LYS B 26 17.67 11.65 -28.38
CA LYS B 26 16.53 11.93 -27.56
C LYS B 26 16.89 13.07 -26.59
N VAL B 27 15.90 13.88 -26.26
CA VAL B 27 16.10 15.00 -25.40
C VAL B 27 15.40 14.77 -24.05
N VAL B 28 16.12 15.07 -22.97
CA VAL B 28 15.58 14.96 -21.61
C VAL B 28 15.69 16.32 -20.94
N LEU B 29 14.60 16.75 -20.31
CA LEU B 29 14.58 17.93 -19.48
C LEU B 29 14.58 17.45 -18.03
N ILE B 30 15.56 17.94 -17.29
CA ILE B 30 15.71 17.64 -15.89
C ILE B 30 15.51 18.88 -15.07
N THR B 31 14.39 18.93 -14.35
CA THR B 31 14.20 20.07 -13.44
C THR B 31 15.11 19.90 -12.24
N GLY B 32 15.57 21.01 -11.72
CA GLY B 32 16.59 20.98 -10.67
C GLY B 32 17.80 20.11 -11.01
N GLY B 33 18.31 20.31 -12.21
CA GLY B 33 19.43 19.53 -12.72
C GLY B 33 20.80 19.99 -12.31
N SER B 34 20.87 21.06 -11.53
CA SER B 34 22.15 21.75 -11.33
C SER B 34 22.98 21.15 -10.19
N ARG B 35 22.34 20.41 -9.29
CA ARG B 35 23.01 19.83 -8.13
C ARG B 35 22.41 18.45 -7.77
N GLY B 36 23.12 17.69 -6.96
CA GLY B 36 22.56 16.49 -6.34
C GLY B 36 22.06 15.45 -7.30
N ILE B 37 20.89 14.90 -6.99
CA ILE B 37 20.28 13.87 -7.82
C ILE B 37 20.06 14.35 -9.25
N GLY B 38 19.60 15.60 -9.41
CA GLY B 38 19.39 16.12 -10.74
C GLY B 38 20.64 16.18 -11.59
N ALA B 39 21.73 16.67 -10.99
CA ALA B 39 23.05 16.72 -11.67
C ALA B 39 23.57 15.33 -12.04
N ALA B 40 23.44 14.39 -11.10
CA ALA B 40 23.88 13.02 -11.38
C ALA B 40 23.07 12.40 -12.54
N SER B 41 21.78 12.70 -12.57
CA SER B 41 20.88 12.20 -13.60
C SER B 41 21.24 12.79 -14.96
N ALA B 42 21.57 14.07 -14.95
CA ALA B 42 21.99 14.78 -16.14
C ALA B 42 23.22 14.14 -16.74
N LEU B 43 24.21 13.90 -15.90
CA LEU B 43 25.49 13.34 -16.34
C LEU B 43 25.29 11.92 -16.85
N LEU B 44 24.51 11.11 -16.14
CA LEU B 44 24.23 9.74 -16.58
C LEU B 44 23.41 9.67 -17.84
N ALA B 45 22.40 10.54 -17.95
CA ALA B 45 21.57 10.55 -19.14
C ALA B 45 22.40 10.90 -20.37
N ALA B 46 23.30 11.82 -20.22
CA ALA B 46 24.21 12.19 -21.31
C ALA B 46 25.10 11.04 -21.72
N ARG B 47 25.62 10.30 -20.73
CA ARG B 47 26.44 9.13 -21.02
C ARG B 47 25.66 8.10 -21.81
N GLN B 48 24.36 8.03 -21.61
CA GLN B 48 23.47 7.14 -22.36
C GLN B 48 23.06 7.68 -23.74
N GLY B 49 23.45 8.90 -24.06
CA GLY B 49 23.15 9.47 -25.38
C GLY B 49 22.03 10.51 -25.44
N TYR B 50 21.46 10.89 -24.33
CA TYR B 50 20.47 11.98 -24.34
C TYR B 50 21.16 13.34 -24.46
N ALA B 51 20.53 14.24 -25.19
CA ALA B 51 20.83 15.67 -25.05
C ALA B 51 20.02 16.14 -23.83
N VAL B 52 20.65 16.92 -22.97
CA VAL B 52 20.10 17.25 -21.65
C VAL B 52 19.85 18.74 -21.44
N ALA B 53 18.61 19.10 -21.13
CA ALA B 53 18.29 20.43 -20.65
C ALA B 53 18.36 20.44 -19.13
N VAL B 54 19.27 21.22 -18.62
CA VAL B 54 19.58 21.25 -17.19
C VAL B 54 18.88 22.49 -16.62
N ASN B 55 17.77 22.28 -15.96
CA ASN B 55 17.04 23.40 -15.37
C ASN B 55 17.61 23.76 -13.99
N TYR B 56 17.55 25.06 -13.71
CA TYR B 56 17.92 25.58 -12.41
C TYR B 56 17.01 26.75 -12.10
N ALA B 57 16.87 27.06 -10.82
CA ALA B 57 16.07 28.18 -10.37
C ALA B 57 16.94 29.44 -10.26
N SER B 58 18.10 29.32 -9.61
CA SER B 58 19.00 30.51 -9.47
C SER B 58 20.50 30.25 -9.56
N ASN B 59 20.93 28.99 -9.40
CA ASN B 59 22.37 28.68 -9.32
C ASN B 59 22.89 28.39 -10.70
N SER B 60 23.09 29.49 -11.46
CA SER B 60 23.51 29.38 -12.84
C SER B 60 24.89 28.75 -12.91
N ALA B 61 25.73 29.04 -11.93
CA ALA B 61 27.09 28.53 -11.93
C ALA B 61 27.09 27.01 -11.87
N ALA B 62 26.27 26.45 -11.01
CA ALA B 62 26.24 24.98 -10.86
C ALA B 62 25.71 24.35 -12.12
N ALA B 63 24.62 24.90 -12.64
CA ALA B 63 24.06 24.39 -13.89
C ALA B 63 25.07 24.47 -15.05
N ASP B 64 25.76 25.59 -15.15
CA ASP B 64 26.79 25.75 -16.20
C ASP B 64 27.89 24.72 -16.06
N GLU B 65 28.23 24.40 -14.81
CA GLU B 65 29.27 23.42 -14.58
C GLU B 65 28.80 22.02 -15.04
N VAL B 66 27.54 21.66 -14.76
CA VAL B 66 27.00 20.38 -15.24
C VAL B 66 27.04 20.34 -16.76
N VAL B 67 26.62 21.44 -17.37
CA VAL B 67 26.65 21.56 -18.84
C VAL B 67 28.06 21.46 -19.39
N ARG B 68 29.00 22.12 -18.73
CA ARG B 68 30.41 22.06 -19.13
C ARG B 68 30.91 20.60 -19.12
N GLN B 69 30.62 19.88 -18.04
CA GLN B 69 31.03 18.47 -17.94
C GLN B 69 30.44 17.60 -19.03
N ILE B 70 29.16 17.81 -19.31
CA ILE B 70 28.51 17.06 -20.37
C ILE B 70 29.18 17.34 -21.71
N ARG B 71 29.37 18.61 -22.01
CA ARG B 71 29.96 18.99 -23.30
C ARG B 71 31.43 18.53 -23.44
N GLU B 72 32.19 18.61 -22.36
CA GLU B 72 33.59 18.21 -22.40
C GLU B 72 33.72 16.71 -22.61
N ALA B 73 32.72 15.93 -22.18
CA ALA B 73 32.72 14.48 -22.45
C ALA B 73 32.08 14.12 -23.82
N GLY B 74 31.76 15.13 -24.63
CA GLY B 74 31.19 14.94 -25.98
C GLY B 74 29.67 14.95 -26.12
N GLY B 75 28.95 15.30 -25.06
CA GLY B 75 27.50 15.35 -25.13
C GLY B 75 26.97 16.72 -25.45
N GLN B 76 25.66 16.80 -25.58
CA GLN B 76 24.95 18.03 -25.79
C GLN B 76 24.10 18.38 -24.57
N ALA B 77 24.15 19.63 -24.19
CA ALA B 77 23.38 20.12 -23.03
C ALA B 77 23.24 21.63 -23.08
N LEU B 78 22.26 22.10 -22.33
CA LEU B 78 21.89 23.49 -22.30
C LEU B 78 21.37 23.79 -20.92
N ALA B 79 21.77 24.90 -20.34
CA ALA B 79 21.24 25.27 -19.05
C ALA B 79 20.05 26.14 -19.28
N VAL B 80 18.99 25.90 -18.56
CA VAL B 80 17.78 26.67 -18.73
CA VAL B 80 17.77 26.66 -18.74
C VAL B 80 17.20 27.10 -17.39
N GLN B 81 17.11 28.40 -17.21
CA GLN B 81 16.59 28.93 -15.96
C GLN B 81 15.05 28.86 -15.99
N ALA B 82 14.47 28.43 -14.88
CA ALA B 82 13.04 28.59 -14.66
C ALA B 82 12.67 28.14 -13.25
N ASP B 83 11.81 28.94 -12.61
CA ASP B 83 11.22 28.57 -11.33
C ASP B 83 9.98 27.78 -11.70
N VAL B 84 9.98 26.50 -11.41
CA VAL B 84 8.91 25.61 -11.87
C VAL B 84 7.56 25.93 -11.25
N ALA B 85 7.53 26.75 -10.22
CA ALA B 85 6.30 27.17 -9.63
C ALA B 85 5.65 28.32 -10.41
N LYS B 86 6.39 28.88 -11.35
CA LYS B 86 5.87 29.99 -12.21
C LYS B 86 5.50 29.54 -13.60
N GLU B 87 4.20 29.56 -13.89
CA GLU B 87 3.68 29.05 -15.17
C GLU B 87 4.37 29.64 -16.39
N ARG B 88 4.51 30.98 -16.42
CA ARG B 88 5.11 31.61 -17.58
C ARG B 88 6.57 31.14 -17.77
N GLU B 89 7.25 30.86 -16.69
CA GLU B 89 8.66 30.42 -16.74
C GLU B 89 8.78 28.95 -17.21
N VAL B 90 7.84 28.12 -16.77
CA VAL B 90 7.74 26.75 -17.27
C VAL B 90 7.48 26.76 -18.77
N LEU B 91 6.54 27.58 -19.22
CA LEU B 91 6.27 27.70 -20.67
C LEU B 91 7.46 28.16 -21.45
N ALA B 92 8.09 29.24 -20.99
CA ALA B 92 9.26 29.77 -21.68
C ALA B 92 10.38 28.72 -21.75
N MSE B 93 10.56 27.97 -20.66
CA MSE B 93 11.58 26.93 -20.61
C MSE B 93 11.30 25.87 -21.64
O MSE B 93 12.22 25.43 -22.34
CB MSE B 93 11.68 26.26 -19.21
CG MSE B 93 12.35 24.89 -19.22
SE MSE B 93 12.66 24.24 -17.36
CE MSE B 93 10.78 23.99 -16.82
N PHE B 94 10.06 25.39 -21.72
CA PHE B 94 9.77 24.34 -22.71
C PHE B 94 9.96 24.88 -24.14
N GLU B 95 9.64 26.15 -24.33
CA GLU B 95 9.77 26.79 -25.67
C GLU B 95 11.24 26.86 -26.03
N THR B 96 12.08 27.13 -25.04
CA THR B 96 13.53 27.18 -25.26
C THR B 96 14.09 25.85 -25.63
N VAL B 97 13.68 24.83 -24.91
CA VAL B 97 14.07 23.45 -25.22
C VAL B 97 13.60 23.05 -26.62
N ASP B 98 12.34 23.32 -26.94
CA ASP B 98 11.80 23.10 -28.29
C ASP B 98 12.74 23.71 -29.34
N ALA B 99 13.12 24.98 -29.14
CA ALA B 99 13.86 25.74 -30.15
C ALA B 99 15.32 25.32 -30.25
N GLN B 100 15.93 25.03 -29.13
CA GLN B 100 17.35 24.81 -29.10
C GLN B 100 17.79 23.38 -29.08
N LEU B 101 16.97 22.50 -28.54
CA LEU B 101 17.32 21.07 -28.47
C LEU B 101 16.39 20.21 -29.31
N GLY B 102 15.12 20.58 -29.37
CA GLY B 102 14.10 19.84 -30.11
C GLY B 102 13.01 19.31 -29.19
N ARG B 103 12.12 18.49 -29.74
CA ARG B 103 10.96 17.95 -29.01
C ARG B 103 11.41 16.96 -27.93
N LEU B 104 11.00 17.13 -26.68
CA LEU B 104 11.55 16.28 -25.65
C LEU B 104 11.01 14.88 -25.77
N SER B 105 11.85 13.90 -25.42
CA SER B 105 11.43 12.52 -25.28
C SER B 105 11.26 12.11 -23.81
N ALA B 106 11.78 12.91 -22.90
CA ALA B 106 11.82 12.51 -21.49
C ALA B 106 11.85 13.72 -20.56
N LEU B 107 11.24 13.55 -19.41
CA LEU B 107 11.16 14.58 -18.37
C LEU B 107 11.48 13.93 -17.02
N VAL B 108 12.41 14.53 -16.29
CA VAL B 108 12.66 14.17 -14.89
C VAL B 108 12.23 15.33 -14.02
N ASN B 109 11.14 15.13 -13.29
CA ASN B 109 10.61 16.14 -12.31
C ASN B 109 11.37 16.01 -10.99
N ASN B 110 12.53 16.62 -10.92
CA ASN B 110 13.45 16.48 -9.78
C ASN B 110 13.47 17.72 -8.90
N ALA B 111 13.09 18.87 -9.43
CA ALA B 111 13.09 20.11 -8.65
C ALA B 111 12.32 19.96 -7.36
N GLY B 112 12.94 20.35 -6.28
CA GLY B 112 12.29 20.06 -4.98
C GLY B 112 13.10 20.61 -3.83
N VAL B 113 12.41 20.78 -2.70
CA VAL B 113 13.03 21.40 -1.51
C VAL B 113 12.47 20.76 -0.27
N VAL B 114 13.24 20.82 0.78
CA VAL B 114 12.78 20.63 2.13
C VAL B 114 12.82 22.05 2.75
N ASP B 115 12.65 22.12 4.04
CA ASP B 115 12.67 23.38 4.71
C ASP B 115 13.16 22.95 6.07
N GLN B 116 13.23 23.86 6.98
CA GLN B 116 13.72 23.52 8.30
C GLN B 116 12.79 22.51 9.00
N THR B 117 13.35 21.79 9.93
CA THR B 117 12.60 20.95 10.85
C THR B 117 11.47 21.70 11.55
N THR B 118 10.29 21.09 11.60
CA THR B 118 9.11 21.67 12.23
C THR B 118 8.13 20.57 12.63
N ARG B 119 7.31 20.88 13.60
CA ARG B 119 6.03 20.16 13.83
C ARG B 119 4.90 20.84 13.02
N VAL B 120 3.84 20.08 12.75
CA VAL B 120 2.64 20.63 12.16
C VAL B 120 2.07 21.81 12.91
N ASP B 121 2.12 21.79 14.23
CA ASP B 121 1.59 22.89 14.98
C ASP B 121 2.43 24.19 14.88
N GLY B 122 3.56 24.11 14.19
CA GLY B 122 4.36 25.32 13.88
C GLY B 122 4.33 25.69 12.38
N ILE B 123 3.54 25.00 11.59
CA ILE B 123 3.56 25.23 10.14
CA ILE B 123 3.48 25.22 10.12
C ILE B 123 2.76 26.51 9.75
N THR B 124 3.29 27.30 8.85
CA THR B 124 2.59 28.51 8.39
C THR B 124 2.04 28.23 7.00
N LEU B 125 1.06 29.06 6.61
CA LEU B 125 0.56 28.96 5.23
C LEU B 125 1.64 29.29 4.20
N GLU B 126 2.46 30.29 4.48
CA GLU B 126 3.54 30.68 3.54
C GLU B 126 4.48 29.46 3.31
N ARG B 127 4.79 28.72 4.37
CA ARG B 127 5.65 27.53 4.25
C ARG B 127 5.01 26.48 3.35
N LEU B 128 3.75 26.21 3.62
CA LEU B 128 2.99 25.21 2.90
C LEU B 128 2.91 25.55 1.42
N GLN B 129 2.65 26.83 1.15
CA GLN B 129 2.56 27.35 -0.20
C GLN B 129 3.84 27.08 -0.97
N ARG B 130 4.96 27.39 -0.38
CA ARG B 130 6.27 27.14 -1.00
C ARG B 130 6.50 25.65 -1.20
N MSE B 131 6.28 24.88 -0.16
CA MSE B 131 6.55 23.42 -0.19
C MSE B 131 5.79 22.74 -1.33
O MSE B 131 6.37 21.96 -2.14
CB MSE B 131 6.17 22.86 1.16
CG MSE B 131 6.47 21.37 1.31
SE MSE B 131 8.44 21.09 1.41
CE MSE B 131 8.70 21.78 3.21
N PHE B 132 4.50 23.06 -1.45
CA PHE B 132 3.68 22.48 -2.45
C PHE B 132 3.85 23.03 -3.85
N GLU B 133 4.09 24.31 -3.97
CA GLU B 133 4.19 24.85 -5.30
C GLU B 133 5.44 24.35 -6.02
N ILE B 134 6.54 24.16 -5.31
CA ILE B 134 7.74 23.67 -5.92
C ILE B 134 7.67 22.14 -6.13
N ASN B 135 7.42 21.42 -5.04
CA ASN B 135 7.41 19.96 -5.08
C ASN B 135 6.25 19.40 -5.87
N VAL B 136 5.08 20.01 -5.81
CA VAL B 136 3.88 19.42 -6.47
C VAL B 136 3.43 20.17 -7.71
N PHE B 137 3.17 21.46 -7.60
CA PHE B 137 2.61 22.21 -8.72
C PHE B 137 3.60 22.28 -9.86
N GLY B 138 4.88 22.49 -9.54
CA GLY B 138 5.92 22.45 -10.58
C GLY B 138 5.93 21.13 -11.35
N SER B 139 5.75 20.01 -10.66
CA SER B 139 5.70 18.69 -11.32
C SER B 139 4.47 18.54 -12.25
N PHE B 140 3.32 18.99 -11.80
CA PHE B 140 2.12 19.03 -12.62
C PHE B 140 2.30 19.90 -13.84
N LEU B 141 2.82 21.10 -13.65
CA LEU B 141 2.98 22.01 -14.79
C LEU B 141 3.96 21.49 -15.81
N CYS B 142 5.09 20.96 -15.32
CA CYS B 142 6.07 20.41 -16.27
C CYS B 142 5.54 19.17 -17.00
N ALA B 143 4.84 18.32 -16.26
CA ALA B 143 4.19 17.17 -16.90
C ALA B 143 3.15 17.55 -17.92
N ARG B 144 2.37 18.60 -17.64
CA ARG B 144 1.39 19.12 -18.64
C ARG B 144 2.07 19.45 -19.96
N GLU B 145 3.14 20.25 -19.87
CA GLU B 145 3.85 20.67 -21.09
C GLU B 145 4.55 19.51 -21.80
N ALA B 146 5.03 18.55 -21.02
CA ALA B 146 5.63 17.36 -21.59
C ALA B 146 4.60 16.51 -22.32
N VAL B 147 3.47 16.27 -21.69
CA VAL B 147 2.38 15.48 -22.30
C VAL B 147 1.89 16.09 -23.60
N LYS B 148 1.71 17.41 -23.60
CA LYS B 148 1.32 18.11 -24.84
C LYS B 148 2.27 17.81 -26.01
N ARG B 149 3.55 17.61 -25.73
CA ARG B 149 4.58 17.40 -26.77
C ARG B 149 4.80 15.93 -27.10
N MSE B 150 4.74 15.11 -26.08
CA MSE B 150 4.94 13.68 -26.21
C MSE B 150 3.79 12.88 -26.74
O MSE B 150 4.01 11.90 -27.40
CB MSE B 150 5.24 13.18 -24.80
CG MSE B 150 6.70 13.31 -24.40
SE MSE B 150 6.73 12.85 -22.40
CE MSE B 150 8.62 13.42 -22.25
N SER B 151 2.57 13.22 -26.33
CA SER B 151 1.42 12.34 -26.57
C SER B 151 1.19 12.04 -28.06
N THR B 152 1.01 10.76 -28.38
CA THR B 152 0.64 10.37 -29.73
C THR B 152 -0.70 10.92 -30.16
N ARG B 153 -1.49 11.36 -29.21
CA ARG B 153 -2.80 11.87 -29.60
C ARG B 153 -2.66 13.27 -30.20
N TYR B 154 -1.51 13.94 -29.98
CA TYR B 154 -1.21 15.23 -30.60
C TYR B 154 -0.15 15.10 -31.69
N GLY B 155 0.09 13.89 -32.17
CA GLY B 155 1.11 13.63 -33.20
C GLY B 155 2.52 13.46 -32.67
N GLY B 156 2.67 13.35 -31.35
CA GLY B 156 3.99 13.16 -30.78
C GLY B 156 4.39 11.70 -30.94
N SER B 157 5.59 11.35 -30.51
CA SER B 157 6.09 10.01 -30.62
C SER B 157 6.22 9.28 -29.34
N GLY B 158 5.58 9.78 -28.31
CA GLY B 158 5.60 9.18 -27.01
C GLY B 158 6.75 9.69 -26.16
N GLY B 159 6.88 9.13 -24.98
CA GLY B 159 7.99 9.53 -24.11
C GLY B 159 7.90 8.93 -22.73
N SER B 160 8.73 9.44 -21.83
CA SER B 160 8.79 8.90 -20.45
C SER B 160 9.02 10.00 -19.45
N ILE B 161 8.30 9.92 -18.34
CA ILE B 161 8.36 10.93 -17.27
C ILE B 161 8.73 10.19 -15.98
N VAL B 162 9.76 10.67 -15.30
CA VAL B 162 10.08 10.17 -13.94
C VAL B 162 9.93 11.29 -12.93
N ASN B 163 9.08 11.06 -11.97
CA ASN B 163 8.92 12.00 -10.85
C ASN B 163 9.84 11.55 -9.71
N VAL B 164 10.40 12.51 -8.97
CA VAL B 164 11.22 12.19 -7.82
C VAL B 164 10.43 12.45 -6.59
N SER B 165 10.08 11.34 -5.93
CA SER B 165 9.31 11.35 -4.71
C SER B 165 10.26 11.21 -3.53
N SER B 166 9.92 10.38 -2.53
CA SER B 166 10.71 10.15 -1.36
C SER B 166 10.13 9.03 -0.52
N ALA B 167 10.96 8.36 0.23
CA ALA B 167 10.46 7.40 1.25
C ALA B 167 9.54 8.09 2.24
N ALA B 168 9.72 9.41 2.41
CA ALA B 168 8.85 10.15 3.24
C ALA B 168 7.40 10.01 2.86
N ALA B 169 7.12 9.79 1.60
CA ALA B 169 5.72 9.63 1.15
C ALA B 169 5.03 8.48 1.90
N ARG B 170 5.83 7.47 2.26
CA ARG B 170 5.33 6.35 3.02
C ARG B 170 5.50 6.53 4.48
N LEU B 171 6.53 7.24 4.94
CA LEU B 171 6.86 7.29 6.38
C LEU B 171 6.30 8.48 7.14
N GLY B 172 6.11 9.61 6.46
CA GLY B 172 5.39 10.78 7.01
C GLY B 172 6.22 11.87 7.65
N SER B 173 7.52 11.65 7.77
CA SER B 173 8.46 12.64 8.35
C SER B 173 7.94 13.28 9.63
N PRO B 174 7.47 12.46 10.57
CA PRO B 174 6.97 13.05 11.82
C PRO B 174 8.00 13.86 12.58
N GLY B 175 7.58 15.00 13.07
CA GLY B 175 8.44 15.85 13.87
C GLY B 175 9.61 16.46 13.10
N GLN B 176 9.58 16.31 11.78
CA GLN B 176 10.63 16.79 10.89
C GLN B 176 10.06 17.69 9.80
N TYR B 177 9.25 17.13 8.91
CA TYR B 177 8.49 17.92 7.91
C TYR B 177 7.34 17.15 7.27
N VAL B 178 6.23 17.03 8.01
CA VAL B 178 5.06 16.31 7.53
C VAL B 178 4.54 16.92 6.24
N ASP B 179 4.73 18.24 6.09
CA ASP B 179 4.36 18.93 4.86
C ASP B 179 5.12 18.45 3.63
N TYR B 180 6.43 18.24 3.80
CA TYR B 180 7.25 17.68 2.74
C TYR B 180 6.79 16.27 2.42
N ALA B 181 6.56 15.49 3.47
CA ALA B 181 6.12 14.10 3.26
C ALA B 181 4.80 14.06 2.52
N ALA B 182 3.88 14.91 2.90
CA ALA B 182 2.57 15.01 2.24
C ALA B 182 2.67 15.43 0.77
N ALA B 183 3.55 16.39 0.47
CA ALA B 183 3.82 16.79 -0.91
C ALA B 183 4.33 15.60 -1.74
N LYS B 184 5.20 14.78 -1.15
CA LYS B 184 5.70 13.60 -1.84
C LYS B 184 4.62 12.50 -1.97
N GLY B 185 3.76 12.33 -0.97
CA GLY B 185 2.57 11.49 -1.14
C GLY B 185 1.70 11.90 -2.32
N ALA B 186 1.51 13.23 -2.50
CA ALA B 186 0.85 13.76 -3.68
C ALA B 186 1.51 13.33 -4.96
N ILE B 187 2.84 13.34 -4.96
CA ILE B 187 3.59 12.95 -6.14
C ILE B 187 3.36 11.44 -6.45
N ASP B 188 3.33 10.61 -5.44
CA ASP B 188 3.04 9.20 -5.66
C ASP B 188 1.70 8.98 -6.36
N THR B 189 0.66 9.60 -5.88
CA THR B 189 -0.69 9.45 -6.44
C THR B 189 -0.81 10.08 -7.81
N PHE B 190 -0.17 11.24 -8.00
CA PHE B 190 -0.03 11.88 -9.29
C PHE B 190 0.59 10.98 -10.29
N THR B 191 1.64 10.28 -9.89
CA THR B 191 2.35 9.35 -10.72
C THR B 191 1.40 8.29 -11.24
N LEU B 192 0.68 7.67 -10.34
CA LEU B 192 -0.24 6.57 -10.67
CA LEU B 192 -0.23 6.58 -10.68
C LEU B 192 -1.36 7.06 -11.57
N GLY B 193 -1.97 8.17 -11.20
CA GLY B 193 -3.06 8.76 -11.97
C GLY B 193 -2.69 9.18 -13.35
N LEU B 194 -1.59 9.91 -13.45
CA LEU B 194 -1.11 10.34 -14.74
C LEU B 194 -0.69 9.18 -15.62
N ALA B 195 0.00 8.24 -15.05
CA ALA B 195 0.35 7.01 -15.81
C ALA B 195 -0.86 6.37 -16.43
N LYS B 196 -1.89 6.16 -15.65
CA LYS B 196 -3.10 5.51 -16.16
C LYS B 196 -3.82 6.39 -17.21
N GLU B 197 -3.82 7.71 -17.01
CA GLU B 197 -4.42 8.66 -17.92
C GLU B 197 -3.78 8.69 -19.34
N VAL B 198 -2.45 8.54 -19.43
CA VAL B 198 -1.71 8.67 -20.73
C VAL B 198 -1.11 7.35 -21.25
N ALA B 199 -1.55 6.25 -20.65
CA ALA B 199 -1.03 4.94 -20.99
C ALA B 199 -1.23 4.50 -22.44
N THR B 200 -2.25 5.01 -23.12
CA THR B 200 -2.48 4.67 -24.55
C THR B 200 -1.79 5.63 -25.51
N GLU B 201 -1.08 6.61 -24.97
CA GLU B 201 -0.56 7.73 -25.71
C GLU B 201 0.95 7.66 -25.86
N GLY B 202 1.51 6.48 -25.60
CA GLY B 202 2.96 6.24 -25.79
C GLY B 202 3.85 6.82 -24.68
N ILE B 203 3.23 7.25 -23.59
CA ILE B 203 3.90 7.89 -22.46
C ILE B 203 3.88 6.95 -21.23
N ARG B 204 5.03 6.76 -20.60
CA ARG B 204 5.11 6.05 -19.30
C ARG B 204 5.44 7.07 -18.26
N VAL B 205 4.91 6.83 -17.05
CA VAL B 205 5.07 7.77 -15.94
C VAL B 205 5.34 6.98 -14.68
N ASN B 206 6.50 7.19 -14.07
CA ASN B 206 6.95 6.43 -12.90
C ASN B 206 7.60 7.35 -11.92
N ALA B 207 7.80 6.85 -10.69
CA ALA B 207 8.48 7.64 -9.70
C ALA B 207 9.59 6.84 -9.08
N VAL B 208 10.65 7.53 -8.69
CA VAL B 208 11.64 6.98 -7.77
CA VAL B 208 11.66 6.97 -7.76
C VAL B 208 11.45 7.57 -6.37
N ARG B 209 11.63 6.75 -5.35
CA ARG B 209 11.47 7.23 -3.97
C ARG B 209 12.84 7.09 -3.30
N PRO B 210 13.65 8.14 -3.32
CA PRO B 210 14.88 8.03 -2.61
C PRO B 210 14.71 8.06 -1.09
N GLY B 211 15.65 7.46 -0.41
CA GLY B 211 15.70 7.52 1.05
C GLY B 211 16.65 8.64 1.47
N ILE B 212 17.59 8.32 2.33
CA ILE B 212 18.58 9.26 2.75
C ILE B 212 19.74 9.18 1.80
N ILE B 213 19.99 10.28 1.10
CA ILE B 213 21.00 10.40 0.08
C ILE B 213 22.04 11.44 0.53
N GLU B 214 23.30 11.10 0.38
CA GLU B 214 24.43 11.87 0.87
C GLU B 214 24.64 13.05 -0.07
N THR B 215 25.21 14.13 0.43
CA THR B 215 25.58 15.31 -0.37
C THR B 215 26.86 15.04 -1.12
N ASP B 229 30.40 7.15 6.70
CA ASP B 229 29.67 7.14 7.97
C ASP B 229 28.56 6.05 8.00
N VAL B 230 28.30 5.51 9.18
CA VAL B 230 27.15 4.63 9.39
C VAL B 230 25.86 5.49 9.53
N ALA B 231 24.79 5.09 8.80
CA ALA B 231 23.41 5.63 8.83
C ALA B 231 22.44 4.66 9.52
N PRO B 232 22.29 4.85 10.84
CA PRO B 232 21.78 3.78 11.67
C PRO B 232 20.33 3.46 11.46
N GLN B 233 19.53 4.41 10.97
CA GLN B 233 18.12 4.17 10.70
C GLN B 233 17.86 3.53 9.29
N VAL B 234 18.92 3.27 8.58
CA VAL B 234 18.73 2.59 7.28
C VAL B 234 19.12 1.09 7.42
N PRO B 235 18.25 0.19 6.97
CA PRO B 235 18.64 -1.25 7.10
C PRO B 235 20.05 -1.53 6.55
N MSE B 236 20.40 -0.94 5.39
CA MSE B 236 21.73 -1.12 4.77
C MSE B 236 22.83 -0.35 5.48
O MSE B 236 23.99 -0.56 5.18
CB MSE B 236 21.72 -0.81 3.25
CG MSE B 236 21.09 -1.89 2.47
SE MSE B 236 21.19 -1.60 0.49
CE MSE B 236 23.08 -0.99 0.52
N GLN B 237 22.47 0.49 6.44
CA GLN B 237 23.44 1.18 7.36
C GLN B 237 24.32 2.20 6.69
N ARG B 238 23.88 2.72 5.58
CA ARG B 238 24.60 3.82 4.92
C ARG B 238 23.60 4.65 4.15
N ALA B 239 23.97 5.89 3.87
CA ALA B 239 23.23 6.75 2.97
C ALA B 239 23.46 6.26 1.53
N GLY B 240 22.50 6.53 0.67
CA GLY B 240 22.66 6.29 -0.79
C GLY B 240 23.40 7.44 -1.42
N THR B 241 23.81 7.22 -2.67
CA THR B 241 24.48 8.28 -3.43
C THR B 241 23.57 8.85 -4.55
N ALA B 242 23.88 10.07 -4.99
CA ALA B 242 23.06 10.66 -6.02
C ALA B 242 23.14 9.81 -7.29
N ARG B 243 24.29 9.21 -7.52
CA ARG B 243 24.47 8.36 -8.69
C ARG B 243 23.60 7.10 -8.63
N GLU B 244 23.41 6.56 -7.43
CA GLU B 244 22.50 5.40 -7.27
C GLU B 244 21.05 5.77 -7.63
N VAL B 245 20.58 6.96 -7.20
CA VAL B 245 19.26 7.39 -7.58
C VAL B 245 19.17 7.64 -9.09
N ALA B 246 20.18 8.29 -9.66
CA ALA B 246 20.22 8.57 -11.09
C ALA B 246 20.07 7.29 -11.88
N GLU B 247 20.72 6.22 -11.42
CA GLU B 247 20.61 4.94 -12.14
C GLU B 247 19.22 4.43 -12.28
N ALA B 248 18.46 4.53 -11.22
CA ALA B 248 17.06 4.12 -11.22
C ALA B 248 16.22 5.02 -12.10
N ILE B 249 16.48 6.33 -12.02
CA ILE B 249 15.77 7.29 -12.89
C ILE B 249 16.00 6.95 -14.37
N VAL B 250 17.25 6.81 -14.74
CA VAL B 250 17.57 6.61 -16.13
C VAL B 250 17.05 5.26 -16.62
N TRP B 251 17.08 4.25 -15.77
CA TRP B 251 16.47 2.97 -16.13
C TRP B 251 15.00 3.11 -16.47
N LEU B 252 14.26 3.81 -15.61
CA LEU B 252 12.84 3.96 -15.81
C LEU B 252 12.58 4.74 -17.08
N LEU B 253 13.44 5.69 -17.39
CA LEU B 253 13.24 6.53 -18.56
C LEU B 253 13.38 5.76 -19.87
N GLY B 254 14.19 4.73 -19.84
CA GLY B 254 14.60 4.02 -21.06
C GLY B 254 13.72 2.87 -21.48
N ASP B 255 14.10 2.25 -22.59
CA ASP B 255 13.26 1.26 -23.19
C ASP B 255 13.31 -0.09 -22.52
N GLN B 256 14.22 -0.29 -21.56
CA GLN B 256 14.22 -1.57 -20.86
C GLN B 256 13.03 -1.64 -19.87
N ALA B 257 12.47 -0.50 -19.54
CA ALA B 257 11.33 -0.38 -18.67
C ALA B 257 9.99 -0.25 -19.43
N SER B 258 9.94 -0.85 -20.63
CA SER B 258 8.84 -0.58 -21.61
C SER B 258 7.42 -1.03 -21.15
N TYR B 259 7.31 -1.90 -20.15
CA TYR B 259 6.00 -2.25 -19.59
C TYR B 259 5.83 -1.76 -18.18
N THR B 260 6.71 -0.86 -17.75
CA THR B 260 6.65 -0.24 -16.44
C THR B 260 6.09 1.18 -16.49
N THR B 261 4.89 1.33 -15.94
CA THR B 261 4.25 2.62 -15.88
C THR B 261 3.34 2.60 -14.63
N GLY B 262 3.36 3.69 -13.93
CA GLY B 262 2.70 3.80 -12.65
C GLY B 262 3.46 3.16 -11.51
N ALA B 263 4.73 2.83 -11.70
CA ALA B 263 5.50 2.17 -10.64
C ALA B 263 6.12 3.23 -9.66
N LEU B 264 6.37 2.81 -8.45
CA LEU B 264 7.02 3.58 -7.39
C LEU B 264 8.24 2.74 -6.98
N LEU B 265 9.43 3.17 -7.40
CA LEU B 265 10.65 2.39 -7.24
C LEU B 265 11.47 2.99 -6.08
N ASP B 266 11.56 2.23 -5.01
CA ASP B 266 12.29 2.67 -3.81
C ASP B 266 13.79 2.51 -4.00
N VAL B 267 14.54 3.59 -3.70
CA VAL B 267 16.00 3.63 -3.66
C VAL B 267 16.37 4.13 -2.28
N THR B 268 16.24 3.26 -1.29
CA THR B 268 16.23 3.65 0.10
C THR B 268 17.10 2.85 1.01
N GLY B 269 17.84 1.85 0.50
CA GLY B 269 18.55 0.98 1.39
C GLY B 269 17.69 0.19 2.36
N GLY B 270 16.41 0.02 2.03
CA GLY B 270 15.46 -0.72 2.84
C GLY B 270 14.56 0.14 3.76
N ARG B 271 14.84 1.42 3.81
CA ARG B 271 14.00 2.35 4.60
C ARG B 271 12.66 2.58 3.88
N SER C 25 33.03 -14.61 -13.07
CA SER C 25 31.67 -14.93 -13.57
C SER C 25 30.72 -15.23 -12.40
N LYS C 26 29.85 -14.26 -12.10
CA LYS C 26 28.84 -14.44 -11.08
C LYS C 26 27.85 -15.52 -11.52
N VAL C 27 27.35 -16.28 -10.56
CA VAL C 27 26.47 -17.36 -10.83
C VAL C 27 25.06 -17.00 -10.35
N VAL C 28 24.09 -17.22 -11.21
CA VAL C 28 22.69 -17.03 -10.89
C VAL C 28 21.97 -18.35 -11.01
N LEU C 29 21.13 -18.62 -10.01
CA LEU C 29 20.16 -19.73 -10.06
C LEU C 29 18.79 -19.15 -10.32
N ILE C 30 18.14 -19.64 -11.35
CA ILE C 30 16.78 -19.23 -11.73
C ILE C 30 15.88 -20.42 -11.54
N THR C 31 15.03 -20.33 -10.50
CA THR C 31 13.97 -21.36 -10.37
C THR C 31 12.91 -21.17 -11.46
N GLY C 32 12.45 -22.29 -11.99
CA GLY C 32 11.54 -22.29 -13.16
C GLY C 32 12.08 -21.55 -14.34
N GLY C 33 13.34 -21.82 -14.66
CA GLY C 33 14.07 -21.15 -15.71
C GLY C 33 13.85 -21.74 -17.09
N SER C 34 13.03 -22.76 -17.20
CA SER C 34 12.90 -23.48 -18.46
C SER C 34 11.92 -22.86 -19.46
N ARG C 35 11.00 -22.04 -18.99
CA ARG C 35 9.93 -21.48 -19.83
C ARG C 35 9.61 -20.07 -19.39
N GLY C 36 8.92 -19.31 -20.23
CA GLY C 36 8.29 -18.06 -19.79
C GLY C 36 9.26 -17.03 -19.25
N ILE C 37 8.84 -16.38 -18.15
CA ILE C 37 9.66 -15.37 -17.53
C ILE C 37 11.00 -15.89 -17.07
N GLY C 38 11.02 -17.10 -16.51
CA GLY C 38 12.26 -17.65 -16.10
C GLY C 38 13.25 -17.84 -17.20
N ALA C 39 12.78 -18.39 -18.32
CA ALA C 39 13.63 -18.57 -19.49
C ALA C 39 14.17 -17.22 -20.05
N ALA C 40 13.29 -16.25 -20.18
CA ALA C 40 13.71 -14.90 -20.62
C ALA C 40 14.76 -14.32 -19.69
N SER C 41 14.59 -14.51 -18.37
CA SER C 41 15.56 -14.02 -17.41
C SER C 41 16.91 -14.72 -17.50
N ALA C 42 16.85 -16.00 -17.74
CA ALA C 42 18.04 -16.82 -17.91
C ALA C 42 18.83 -16.31 -19.16
N LEU C 43 18.15 -16.08 -20.25
CA LEU C 43 18.80 -15.64 -21.49
C LEU C 43 19.42 -14.25 -21.30
N LEU C 44 18.65 -13.34 -20.67
CA LEU C 44 19.15 -12.00 -20.40
C LEU C 44 20.30 -11.96 -19.37
N ALA C 45 20.22 -12.77 -18.31
CA ALA C 45 21.28 -12.81 -17.31
C ALA C 45 22.59 -13.29 -17.93
N ALA C 46 22.48 -14.23 -18.84
CA ALA C 46 23.67 -14.76 -19.50
C ALA C 46 24.29 -13.66 -20.40
N ARG C 47 23.44 -12.88 -21.07
CA ARG C 47 23.93 -11.79 -21.88
C ARG C 47 24.68 -10.78 -21.04
N GLN C 48 24.28 -10.63 -19.80
CA GLN C 48 24.96 -9.72 -18.88
C GLN C 48 26.23 -10.32 -18.24
N GLY C 49 26.51 -11.57 -18.52
CA GLY C 49 27.73 -12.18 -17.99
C GLY C 49 27.58 -13.14 -16.81
N TYR C 50 26.39 -13.40 -16.34
CA TYR C 50 26.20 -14.49 -15.39
C TYR C 50 26.37 -15.91 -16.02
N ALA C 51 26.94 -16.85 -15.28
CA ALA C 51 26.72 -18.27 -15.50
C ALA C 51 25.37 -18.66 -14.85
N VAL C 52 24.56 -19.39 -15.58
CA VAL C 52 23.18 -19.58 -15.22
C VAL C 52 22.86 -21.02 -14.91
N ALA C 53 22.33 -21.27 -13.73
CA ALA C 53 21.65 -22.54 -13.45
C ALA C 53 20.17 -22.44 -13.76
N VAL C 54 19.73 -23.22 -14.75
CA VAL C 54 18.37 -23.21 -15.21
C VAL C 54 17.60 -24.33 -14.54
N ASN C 55 16.77 -24.01 -13.55
CA ASN C 55 16.07 -25.04 -12.85
C ASN C 55 14.76 -25.36 -13.58
N TYR C 56 14.40 -26.62 -13.52
CA TYR C 56 13.12 -27.07 -14.04
C TYR C 56 12.55 -28.13 -13.11
N ALA C 57 11.24 -28.29 -13.15
CA ALA C 57 10.56 -29.33 -12.40
C ALA C 57 10.50 -30.64 -13.18
N SER C 58 10.06 -30.57 -14.42
CA SER C 58 9.97 -31.82 -15.23
C SER C 58 10.25 -31.67 -16.71
N ASN C 59 10.28 -30.44 -17.22
CA ASN C 59 10.39 -30.26 -18.69
C ASN C 59 11.84 -30.09 -19.02
N SER C 60 12.52 -31.23 -19.08
CA SER C 60 13.95 -31.23 -19.32
CA SER C 60 13.96 -31.23 -19.31
C SER C 60 14.25 -30.70 -20.71
N ALA C 61 13.39 -31.01 -21.67
CA ALA C 61 13.59 -30.55 -23.02
C ALA C 61 13.63 -29.04 -23.11
N ALA C 62 12.71 -28.41 -22.42
CA ALA C 62 12.64 -26.93 -22.48
C ALA C 62 13.86 -26.33 -21.82
N ALA C 63 14.22 -26.87 -20.65
CA ALA C 63 15.42 -26.40 -19.95
C ALA C 63 16.67 -26.57 -20.86
N ASP C 64 16.83 -27.74 -21.44
CA ASP C 64 17.97 -28.00 -22.35
C ASP C 64 18.01 -27.03 -23.52
N GLU C 65 16.85 -26.63 -24.00
CA GLU C 65 16.78 -25.65 -25.09
C GLU C 65 17.21 -24.24 -24.61
N VAL C 66 16.86 -23.85 -23.40
CA VAL C 66 17.34 -22.58 -22.88
C VAL C 66 18.84 -22.62 -22.72
N VAL C 67 19.35 -23.73 -22.16
CA VAL C 67 20.78 -23.90 -21.95
C VAL C 67 21.50 -23.84 -23.33
N ARG C 68 20.91 -24.50 -24.32
CA ARG C 68 21.52 -24.53 -25.66
C ARG C 68 21.66 -23.10 -26.21
N GLN C 69 20.59 -22.31 -26.10
CA GLN C 69 20.60 -20.92 -26.55
C GLN C 69 21.61 -20.04 -25.83
N ILE C 70 21.71 -20.23 -24.51
CA ILE C 70 22.74 -19.55 -23.75
C ILE C 70 24.14 -19.88 -24.21
N ARG C 71 24.40 -21.17 -24.38
CA ARG C 71 25.72 -21.58 -24.75
C ARG C 71 26.08 -21.09 -26.17
N GLU C 72 25.08 -21.11 -27.07
CA GLU C 72 25.27 -20.68 -28.44
C GLU C 72 25.61 -19.19 -28.50
N ALA C 73 25.11 -18.42 -27.56
CA ALA C 73 25.39 -16.99 -27.52
C ALA C 73 26.64 -16.70 -26.67
N GLY C 74 27.39 -17.73 -26.25
CA GLY C 74 28.68 -17.55 -25.59
C GLY C 74 28.67 -17.53 -24.07
N GLY C 75 27.57 -17.96 -23.44
CA GLY C 75 27.47 -18.02 -22.00
C GLY C 75 27.63 -19.42 -21.44
N GLN C 76 27.74 -19.48 -20.12
CA GLN C 76 27.78 -20.75 -19.42
C GLN C 76 26.47 -21.02 -18.74
N ALA C 77 26.01 -22.28 -18.78
CA ALA C 77 24.73 -22.65 -18.21
C ALA C 77 24.64 -24.13 -17.98
N LEU C 78 23.76 -24.51 -17.09
CA LEU C 78 23.56 -25.90 -16.68
C LEU C 78 22.08 -26.07 -16.38
N ALA C 79 21.47 -27.14 -16.85
CA ALA C 79 20.08 -27.40 -16.43
C ALA C 79 20.08 -28.22 -15.12
N VAL C 80 19.25 -27.84 -14.19
CA VAL C 80 19.19 -28.58 -12.92
C VAL C 80 17.74 -28.88 -12.52
N GLN C 81 17.43 -30.14 -12.33
CA GLN C 81 16.06 -30.53 -12.01
C GLN C 81 15.86 -30.36 -10.48
N ALA C 82 14.73 -29.79 -10.10
CA ALA C 82 14.26 -29.86 -8.72
C ALA C 82 12.84 -29.26 -8.62
N ASP C 83 11.99 -29.92 -7.85
CA ASP C 83 10.69 -29.39 -7.42
C ASP C 83 10.98 -28.59 -6.16
N VAL C 84 10.78 -27.28 -6.22
CA VAL C 84 11.16 -26.41 -5.14
C VAL C 84 10.37 -26.62 -3.87
N ALA C 85 9.27 -27.33 -3.93
CA ALA C 85 8.51 -27.65 -2.73
C ALA C 85 9.11 -28.81 -1.98
N LYS C 86 10.08 -29.50 -2.61
CA LYS C 86 10.74 -30.64 -1.96
C LYS C 86 12.10 -30.26 -1.40
N GLU C 87 12.20 -30.22 -0.09
CA GLU C 87 13.41 -29.76 0.60
C GLU C 87 14.66 -30.51 0.12
N ARG C 88 14.58 -31.84 0.01
CA ARG C 88 15.74 -32.65 -0.38
C ARG C 88 16.20 -32.27 -1.81
N GLU C 89 15.23 -31.98 -2.66
CA GLU C 89 15.55 -31.62 -4.04
C GLU C 89 16.17 -30.21 -4.12
N VAL C 90 15.68 -29.29 -3.30
CA VAL C 90 16.28 -27.92 -3.20
C VAL C 90 17.74 -28.03 -2.71
N LEU C 91 17.96 -28.84 -1.70
CA LEU C 91 19.34 -29.06 -1.20
C LEU C 91 20.24 -29.65 -2.26
N ALA C 92 19.74 -30.67 -2.97
CA ALA C 92 20.56 -31.35 -4.01
C ALA C 92 20.87 -30.37 -5.13
N MSE C 93 19.89 -29.51 -5.46
CA MSE C 93 20.06 -28.52 -6.51
C MSE C 93 21.14 -27.52 -6.13
O MSE C 93 22.01 -27.23 -6.95
CB MSE C 93 18.77 -27.79 -6.84
CG MSE C 93 19.01 -26.47 -7.59
SE MSE C 93 17.26 -25.73 -8.14
CE MSE C 93 16.52 -25.30 -6.39
N PHE C 94 21.09 -26.98 -4.92
CA PHE C 94 22.12 -26.03 -4.51
C PHE C 94 23.50 -26.68 -4.46
N GLU C 95 23.54 -27.94 -4.06
CA GLU C 95 24.79 -28.68 -3.98
C GLU C 95 25.39 -28.89 -5.37
N THR C 96 24.53 -29.14 -6.35
CA THR C 96 24.95 -29.32 -7.73
C THR C 96 25.51 -28.01 -8.30
N VAL C 97 24.80 -26.90 -8.04
CA VAL C 97 25.27 -25.59 -8.40
C VAL C 97 26.61 -25.26 -7.75
N ASP C 98 26.73 -25.50 -6.47
CA ASP C 98 28.00 -25.33 -5.76
C ASP C 98 29.14 -26.07 -6.50
N ALA C 99 28.89 -27.33 -6.82
CA ALA C 99 29.94 -28.20 -7.39
C ALA C 99 30.27 -27.85 -8.82
N GLN C 100 29.26 -27.53 -9.60
CA GLN C 100 29.46 -27.42 -11.03
C GLN C 100 29.61 -26.04 -11.56
N LEU C 101 29.05 -25.06 -10.87
CA LEU C 101 29.14 -23.66 -11.30
C LEU C 101 29.90 -22.82 -10.32
N GLY C 102 29.74 -23.08 -9.04
CA GLY C 102 30.42 -22.36 -7.98
C GLY C 102 29.37 -21.72 -7.07
N ARG C 103 29.84 -20.94 -6.13
CA ARG C 103 28.94 -20.35 -5.18
C ARG C 103 28.08 -19.25 -5.82
N LEU C 104 26.77 -19.32 -5.62
CA LEU C 104 25.90 -18.36 -6.30
C LEU C 104 26.07 -16.98 -5.77
N SER C 105 25.90 -16.02 -6.67
CA SER C 105 25.81 -14.60 -6.34
C SER C 105 24.39 -14.06 -6.39
N ALA C 106 23.51 -14.80 -7.05
CA ALA C 106 22.18 -14.28 -7.37
C ALA C 106 21.15 -15.41 -7.47
N LEU C 107 19.94 -15.13 -7.00
CA LEU C 107 18.82 -16.07 -7.02
C LEU C 107 17.61 -15.35 -7.56
N VAL C 108 16.92 -15.97 -8.52
CA VAL C 108 15.62 -15.52 -8.94
C VAL C 108 14.61 -16.61 -8.58
N ASN C 109 13.76 -16.31 -7.60
CA ASN C 109 12.64 -17.14 -7.18
C ASN C 109 11.45 -16.93 -8.11
N ASN C 110 11.45 -17.66 -9.22
CA ASN C 110 10.48 -17.49 -10.27
C ASN C 110 9.53 -18.66 -10.39
N ALA C 111 9.93 -19.86 -9.99
CA ALA C 111 9.07 -21.02 -10.04
C ALA C 111 7.70 -20.70 -9.46
N GLY C 112 6.66 -21.05 -10.16
CA GLY C 112 5.32 -20.68 -9.64
C GLY C 112 4.28 -21.21 -10.56
N VAL C 113 3.07 -21.40 -10.01
CA VAL C 113 1.96 -22.05 -10.75
C VAL C 113 0.69 -21.26 -10.42
N VAL C 114 -0.30 -21.40 -11.28
CA VAL C 114 -1.67 -21.00 -11.03
C VAL C 114 -2.45 -22.30 -10.92
N ASP C 115 -3.78 -22.24 -10.94
CA ASP C 115 -4.59 -23.44 -11.04
C ASP C 115 -5.86 -22.98 -11.77
N GLN C 116 -6.82 -23.88 -11.91
CA GLN C 116 -8.05 -23.57 -12.57
C GLN C 116 -8.76 -22.38 -11.90
N THR C 117 -9.57 -21.70 -12.68
CA THR C 117 -10.46 -20.61 -12.16
C THR C 117 -11.30 -21.18 -11.02
N THR C 118 -11.38 -20.48 -9.92
CA THR C 118 -12.19 -20.90 -8.80
C THR C 118 -12.63 -19.65 -8.00
N ARG C 119 -13.76 -19.79 -7.33
CA ARG C 119 -14.10 -19.00 -6.15
C ARG C 119 -13.53 -19.63 -4.89
N VAL C 120 -13.36 -18.81 -3.85
CA VAL C 120 -12.96 -19.31 -2.56
C VAL C 120 -13.91 -20.39 -2.04
N ASP C 121 -15.21 -20.25 -2.28
CA ASP C 121 -16.14 -21.24 -1.80
C ASP C 121 -16.03 -22.62 -2.49
N GLY C 122 -15.17 -22.70 -3.49
CA GLY C 122 -14.82 -23.93 -4.22
C GLY C 122 -13.39 -24.44 -3.92
N ILE C 123 -12.65 -23.77 -3.04
CA ILE C 123 -11.25 -24.11 -2.81
C ILE C 123 -11.10 -25.36 -1.92
N THR C 124 -10.27 -26.31 -2.33
CA THR C 124 -9.95 -27.47 -1.47
C THR C 124 -8.60 -27.28 -0.77
N LEU C 125 -8.44 -27.97 0.35
CA LEU C 125 -7.17 -27.89 1.05
C LEU C 125 -6.00 -28.34 0.16
N GLU C 126 -6.22 -29.39 -0.61
CA GLU C 126 -5.17 -29.92 -1.49
C GLU C 126 -4.70 -28.87 -2.50
N ARG C 127 -5.64 -28.08 -3.00
CA ARG C 127 -5.29 -26.98 -3.90
C ARG C 127 -4.44 -25.90 -3.21
N LEU C 128 -4.88 -25.52 -2.01
CA LEU C 128 -4.16 -24.52 -1.21
C LEU C 128 -2.77 -24.98 -0.90
N GLN C 129 -2.64 -26.24 -0.52
CA GLN C 129 -1.37 -26.81 -0.14
C GLN C 129 -0.34 -26.69 -1.31
N ARG C 130 -0.78 -27.12 -2.50
CA ARG C 130 0.01 -27.01 -3.68
C ARG C 130 0.38 -25.59 -4.00
N MSE C 131 -0.61 -24.69 -4.00
CA MSE C 131 -0.41 -23.30 -4.39
C MSE C 131 0.67 -22.71 -3.54
O MSE C 131 1.59 -22.00 -4.03
CB MSE C 131 -1.73 -22.56 -4.29
CG MSE C 131 -1.74 -21.12 -4.73
SE MSE C 131 -1.49 -21.10 -6.71
CE MSE C 131 -3.33 -21.65 -7.13
N PHE C 132 0.53 -22.91 -2.22
CA PHE C 132 1.48 -22.33 -1.34
C PHE C 132 2.83 -23.01 -1.24
N GLU C 133 2.85 -24.33 -1.32
CA GLU C 133 4.14 -25.00 -1.20
C GLU C 133 5.05 -24.66 -2.40
N ILE C 134 4.50 -24.46 -3.59
CA ILE C 134 5.34 -24.10 -4.73
C ILE C 134 5.65 -22.60 -4.74
N ASN C 135 4.61 -21.80 -4.65
CA ASN C 135 4.80 -20.32 -4.73
C ASN C 135 5.44 -19.67 -3.53
N VAL C 136 5.20 -20.19 -2.35
CA VAL C 136 5.72 -19.59 -1.12
C VAL C 136 6.82 -20.40 -0.47
N PHE C 137 6.54 -21.65 -0.13
CA PHE C 137 7.53 -22.42 0.56
C PHE C 137 8.79 -22.60 -0.26
N GLY C 138 8.65 -22.90 -1.55
CA GLY C 138 9.79 -23.01 -2.44
C GLY C 138 10.66 -21.76 -2.42
N SER C 139 10.03 -20.61 -2.39
CA SER C 139 10.80 -19.37 -2.36
C SER C 139 11.55 -19.21 -1.05
N PHE C 140 10.90 -19.56 0.06
CA PHE C 140 11.59 -19.50 1.34
C PHE C 140 12.74 -20.46 1.37
N LEU C 141 12.52 -21.69 0.94
CA LEU C 141 13.57 -22.70 1.00
C LEU C 141 14.76 -22.27 0.14
N CYS C 142 14.53 -21.87 -1.10
CA CYS C 142 15.65 -21.43 -1.99
C CYS C 142 16.36 -20.18 -1.41
N ALA C 143 15.60 -19.26 -0.85
CA ALA C 143 16.21 -18.13 -0.16
C ALA C 143 17.07 -18.52 1.00
N ARG C 144 16.62 -19.51 1.77
CA ARG C 144 17.39 -19.98 2.90
C ARG C 144 18.77 -20.45 2.46
N GLU C 145 18.76 -21.34 1.47
CA GLU C 145 20.00 -21.87 0.95
C GLU C 145 20.90 -20.78 0.32
N ALA C 146 20.29 -19.78 -0.31
CA ALA C 146 21.04 -18.69 -0.91
C ALA C 146 21.69 -17.82 0.13
N VAL C 147 20.93 -17.47 1.15
CA VAL C 147 21.47 -16.68 2.24
C VAL C 147 22.64 -17.37 2.93
N LYS C 148 22.48 -18.65 3.22
CA LYS C 148 23.58 -19.43 3.84
C LYS C 148 24.89 -19.31 3.07
N ARG C 149 24.80 -19.15 1.75
CA ARG C 149 25.97 -19.04 0.88
C ARG C 149 26.44 -17.61 0.63
N MSE C 150 25.49 -16.68 0.50
CA MSE C 150 25.78 -15.31 0.16
C MSE C 150 26.18 -14.43 1.33
O MSE C 150 26.99 -13.54 1.17
CB MSE C 150 24.49 -14.73 -0.40
CG MSE C 150 24.30 -15.03 -1.86
SE MSE C 150 22.40 -14.38 -2.19
CE MSE C 150 22.41 -15.01 -4.01
N SER C 151 25.58 -14.66 2.49
CA SER C 151 25.79 -13.74 3.63
C SER C 151 27.22 -13.57 4.01
N THR C 152 27.66 -12.34 4.17
CA THR C 152 28.97 -12.09 4.74
C THR C 152 29.16 -12.65 6.17
N ARG C 153 28.08 -12.95 6.88
CA ARG C 153 28.22 -13.55 8.22
CA ARG C 153 28.22 -13.54 8.23
C ARG C 153 28.86 -14.93 8.14
N TYR C 154 28.66 -15.57 7.01
CA TYR C 154 29.17 -16.94 6.82
C TYR C 154 30.35 -16.93 5.88
N GLY C 155 30.96 -15.77 5.67
CA GLY C 155 32.13 -15.69 4.80
C GLY C 155 31.79 -15.59 3.34
N GLY C 156 30.54 -15.32 3.01
CA GLY C 156 30.15 -15.04 1.62
C GLY C 156 30.47 -13.62 1.23
N SER C 157 30.25 -13.24 -0.04
CA SER C 157 30.58 -11.90 -0.53
C SER C 157 29.37 -11.10 -0.86
N GLY C 158 28.22 -11.57 -0.40
CA GLY C 158 26.98 -10.92 -0.63
C GLY C 158 26.28 -11.46 -1.86
N GLY C 159 25.21 -10.80 -2.24
CA GLY C 159 24.42 -11.23 -3.38
C GLY C 159 23.11 -10.53 -3.50
N SER C 160 22.24 -11.04 -4.38
CA SER C 160 21.01 -10.42 -4.70
C SER C 160 19.97 -11.48 -5.00
N ILE C 161 18.79 -11.29 -4.47
CA ILE C 161 17.66 -12.23 -4.64
C ILE C 161 16.50 -11.44 -5.22
N VAL C 162 15.90 -11.93 -6.31
CA VAL C 162 14.69 -11.30 -6.83
C VAL C 162 13.60 -12.34 -6.74
N ASN C 163 12.54 -12.00 -6.02
CA ASN C 163 11.32 -12.80 -6.00
C ASN C 163 10.35 -12.39 -7.07
N VAL C 164 9.63 -13.34 -7.68
CA VAL C 164 8.60 -12.98 -8.67
C VAL C 164 7.26 -13.07 -8.01
N SER C 165 6.69 -11.89 -7.72
CA SER C 165 5.39 -11.75 -7.15
C SER C 165 4.36 -11.60 -8.32
N SER C 166 3.38 -10.72 -8.18
CA SER C 166 2.37 -10.44 -9.20
C SER C 166 1.58 -9.21 -8.79
N ALA C 167 1.02 -8.52 -9.75
CA ALA C 167 0.00 -7.50 -9.49
C ALA C 167 -1.18 -8.10 -8.71
N ALA C 168 -1.38 -9.44 -8.79
CA ALA C 168 -2.44 -10.07 -8.01
C ALA C 168 -2.24 -9.87 -6.52
N ALA C 169 -1.01 -9.67 -6.08
CA ALA C 169 -0.77 -9.45 -4.65
C ALA C 169 -1.49 -8.17 -4.15
N ARG C 170 -1.63 -7.20 -5.01
CA ARG C 170 -2.39 -5.98 -4.73
C ARG C 170 -3.83 -6.10 -5.08
N LEU C 171 -4.22 -6.86 -6.12
CA LEU C 171 -5.57 -6.80 -6.65
C LEU C 171 -6.49 -7.93 -6.18
N GLY C 172 -5.93 -9.05 -5.81
CA GLY C 172 -6.62 -10.13 -5.15
C GLY C 172 -7.21 -11.23 -6.02
N SER C 173 -7.13 -11.13 -7.37
CA SER C 173 -7.70 -12.13 -8.28
C SER C 173 -9.09 -12.68 -7.92
N PRO C 174 -10.05 -11.78 -7.63
CA PRO C 174 -11.37 -12.22 -7.23
C PRO C 174 -12.05 -13.04 -8.30
N GLY C 175 -12.64 -14.14 -7.90
CA GLY C 175 -13.39 -14.98 -8.80
C GLY C 175 -12.51 -15.77 -9.76
N GLN C 176 -11.22 -15.73 -9.57
CA GLN C 176 -10.24 -16.36 -10.44
C GLN C 176 -9.34 -17.25 -9.64
N TYR C 177 -8.51 -16.68 -8.75
CA TYR C 177 -7.69 -17.47 -7.86
C TYR C 177 -7.13 -16.65 -6.67
N VAL C 178 -8.02 -16.39 -5.76
CA VAL C 178 -7.66 -15.59 -4.59
C VAL C 178 -6.54 -16.25 -3.86
N ASP C 179 -6.52 -17.56 -3.85
CA ASP C 179 -5.40 -18.33 -3.26
C ASP C 179 -4.00 -18.02 -3.87
N TYR C 180 -3.94 -17.95 -5.20
CA TYR C 180 -2.74 -17.49 -5.87
C TYR C 180 -2.37 -16.07 -5.47
N ALA C 181 -3.38 -15.19 -5.45
CA ALA C 181 -3.11 -13.79 -5.09
C ALA C 181 -2.52 -13.72 -3.70
N ALA C 182 -3.09 -14.50 -2.79
CA ALA C 182 -2.66 -14.50 -1.38
C ALA C 182 -1.25 -15.01 -1.25
N ALA C 183 -0.91 -16.02 -2.04
CA ALA C 183 0.47 -16.55 -2.07
C ALA C 183 1.43 -15.47 -2.51
N LYS C 184 1.02 -14.70 -3.52
CA LYS C 184 1.84 -13.59 -3.98
C LYS C 184 1.91 -12.43 -2.92
N GLY C 185 0.82 -12.16 -2.22
CA GLY C 185 0.85 -11.22 -1.06
C GLY C 185 1.87 -11.66 0.01
N ALA C 186 1.94 -12.96 0.29
CA ALA C 186 3.01 -13.53 1.15
C ALA C 186 4.40 -13.24 0.62
N ILE C 187 4.61 -13.41 -0.72
CA ILE C 187 5.87 -13.09 -1.29
C ILE C 187 6.26 -11.63 -1.12
N ASP C 188 5.31 -10.71 -1.26
CA ASP C 188 5.62 -9.28 -1.09
C ASP C 188 6.14 -8.99 0.31
N THR C 189 5.41 -9.53 1.31
CA THR C 189 5.86 -9.30 2.69
C THR C 189 7.16 -10.02 3.03
N PHE C 190 7.33 -11.24 2.52
CA PHE C 190 8.58 -11.98 2.61
C PHE C 190 9.74 -11.17 2.07
N THR C 191 9.53 -10.57 0.92
CA THR C 191 10.55 -9.70 0.31
C THR C 191 11.04 -8.59 1.23
N LEU C 192 10.08 -7.90 1.82
CA LEU C 192 10.38 -6.80 2.70
CA LEU C 192 10.37 -6.78 2.73
C LEU C 192 11.09 -7.28 3.98
N GLY C 193 10.52 -8.31 4.61
CA GLY C 193 11.09 -8.88 5.84
C GLY C 193 12.49 -9.40 5.66
N LEU C 194 12.66 -10.19 4.60
CA LEU C 194 13.98 -10.76 4.37
C LEU C 194 15.00 -9.71 3.98
N ALA C 195 14.61 -8.76 3.14
CA ALA C 195 15.48 -7.64 2.79
C ALA C 195 15.98 -6.95 4.09
N LYS C 196 15.06 -6.65 5.02
CA LYS C 196 15.47 -5.95 6.23
C LYS C 196 16.37 -6.83 7.08
N GLU C 197 16.07 -8.13 7.13
CA GLU C 197 16.82 -9.08 7.90
C GLU C 197 18.30 -9.23 7.50
N VAL C 198 18.58 -9.21 6.20
CA VAL C 198 19.93 -9.45 5.64
C VAL C 198 20.61 -8.20 5.03
N ALA C 199 20.06 -7.02 5.33
CA ALA C 199 20.54 -5.79 4.77
C ALA C 199 21.96 -5.42 5.12
N THR C 200 22.45 -5.86 6.29
CA THR C 200 23.83 -5.59 6.69
C THR C 200 24.83 -6.67 6.23
N GLU C 201 24.35 -7.69 5.52
CA GLU C 201 25.11 -8.88 5.20
C GLU C 201 25.45 -8.98 3.70
N GLY C 202 25.37 -7.85 3.02
CA GLY C 202 25.77 -7.73 1.60
C GLY C 202 24.73 -8.29 0.62
N ILE C 203 23.54 -8.59 1.10
CA ILE C 203 22.46 -9.20 0.34
C ILE C 203 21.33 -8.20 0.11
N ARG C 204 20.92 -8.02 -1.14
CA ARG C 204 19.70 -7.24 -1.47
C ARG C 204 18.61 -8.22 -1.83
N VAL C 205 17.38 -7.88 -1.54
CA VAL C 205 16.20 -8.75 -1.79
C VAL C 205 15.07 -7.87 -2.26
N ASN C 206 14.58 -8.12 -3.48
CA ASN C 206 13.56 -7.31 -4.10
C ASN C 206 12.59 -8.21 -4.87
N ALA C 207 11.47 -7.66 -5.30
CA ALA C 207 10.44 -8.38 -5.97
C ALA C 207 9.98 -7.60 -7.16
N VAL C 208 9.72 -8.34 -8.24
N VAL C 208 9.74 -8.32 -8.28
CA VAL C 208 9.02 -7.78 -9.38
CA VAL C 208 8.97 -7.75 -9.39
C VAL C 208 7.55 -8.27 -9.33
C VAL C 208 7.54 -8.26 -9.32
N ARG C 209 6.62 -7.38 -9.63
CA ARG C 209 5.22 -7.73 -9.68
C ARG C 209 4.77 -7.64 -11.14
N PRO C 210 4.83 -8.73 -11.89
CA PRO C 210 4.28 -8.61 -13.21
C PRO C 210 2.76 -8.56 -13.30
N GLY C 211 2.25 -7.92 -14.31
CA GLY C 211 0.85 -7.94 -14.64
C GLY C 211 0.53 -9.16 -15.53
N ILE C 212 -0.22 -8.93 -16.56
CA ILE C 212 -0.64 -10.01 -17.49
C ILE C 212 0.48 -10.10 -18.53
N ILE C 213 1.14 -11.27 -18.58
CA ILE C 213 2.31 -11.51 -19.43
C ILE C 213 2.00 -12.69 -20.39
N GLU C 214 2.45 -12.54 -21.61
CA GLU C 214 2.31 -13.58 -22.61
C GLU C 214 3.22 -14.76 -22.28
N THR C 215 2.72 -15.73 -21.55
CA THR C 215 3.38 -17.02 -21.26
C THR C 215 2.34 -18.15 -21.31
N ASP C 216 2.85 -19.38 -21.16
CA ASP C 216 2.06 -20.64 -21.08
C ASP C 216 1.26 -20.78 -19.77
N ILE C 217 1.51 -19.92 -18.78
CA ILE C 217 0.90 -20.14 -17.46
C ILE C 217 -0.68 -20.06 -17.50
N HIS C 218 -1.20 -19.18 -18.34
CA HIS C 218 -2.64 -18.96 -18.43
C HIS C 218 -3.32 -20.18 -18.99
N ALA C 219 -2.75 -20.73 -20.07
CA ALA C 219 -3.16 -22.04 -20.58
C ALA C 219 -3.11 -23.17 -19.51
N SER C 220 -2.09 -23.18 -18.65
CA SER C 220 -1.95 -24.26 -17.63
C SER C 220 -3.12 -24.26 -16.61
N GLY C 221 -3.73 -23.09 -16.40
CA GLY C 221 -4.96 -22.96 -15.61
C GLY C 221 -6.26 -22.93 -16.39
N GLY C 222 -6.21 -23.35 -17.66
CA GLY C 222 -7.44 -23.51 -18.45
C GLY C 222 -7.91 -22.26 -19.19
N LEU C 223 -7.11 -21.18 -19.20
CA LEU C 223 -7.46 -19.90 -19.88
C LEU C 223 -6.36 -19.51 -20.92
N PRO C 224 -6.26 -20.25 -22.02
CA PRO C 224 -5.19 -20.01 -23.02
C PRO C 224 -5.21 -18.63 -23.66
N ASN C 225 -6.39 -18.00 -23.79
CA ASN C 225 -6.54 -16.62 -24.39
C ASN C 225 -6.49 -15.44 -23.39
N ARG C 226 -6.12 -15.76 -22.16
CA ARG C 226 -6.21 -14.75 -21.09
C ARG C 226 -5.41 -13.47 -21.40
N ALA C 227 -4.18 -13.63 -21.92
CA ALA C 227 -3.35 -12.41 -22.19
C ALA C 227 -4.12 -11.42 -23.10
N ARG C 228 -4.72 -11.99 -24.16
CA ARG C 228 -5.54 -11.23 -25.13
C ARG C 228 -6.84 -10.70 -24.48
N ASP C 229 -7.56 -11.56 -23.76
CA ASP C 229 -8.87 -11.21 -23.19
C ASP C 229 -8.78 -10.11 -22.13
N VAL C 230 -7.70 -10.11 -21.37
CA VAL C 230 -7.54 -9.15 -20.27
C VAL C 230 -6.84 -7.86 -20.72
N ALA C 231 -6.21 -7.90 -21.89
CA ALA C 231 -5.51 -6.71 -22.39
C ALA C 231 -6.33 -5.39 -22.33
N PRO C 232 -7.60 -5.42 -22.74
CA PRO C 232 -8.40 -4.22 -22.66
C PRO C 232 -8.57 -3.67 -21.26
N GLN C 233 -8.32 -4.49 -20.25
CA GLN C 233 -8.39 -4.01 -18.85
C GLN C 233 -7.09 -3.25 -18.41
N VAL C 234 -5.97 -3.50 -19.09
CA VAL C 234 -4.67 -2.97 -18.78
C VAL C 234 -4.57 -1.52 -19.33
N PRO C 235 -4.04 -0.58 -18.56
CA PRO C 235 -4.04 0.82 -19.10
C PRO C 235 -3.33 0.97 -20.47
N MSE C 236 -2.23 0.28 -20.60
CA MSE C 236 -1.45 0.22 -21.86
C MSE C 236 -2.07 -0.62 -22.94
O MSE C 236 -1.63 -0.55 -24.08
CB MSE C 236 -0.01 -0.18 -21.58
CG MSE C 236 0.87 0.92 -20.97
SE MSE C 236 2.81 0.36 -20.84
CE MSE C 236 2.91 -0.34 -22.65
N GLN C 237 -3.15 -1.35 -22.62
CA GLN C 237 -4.01 -2.07 -23.58
C GLN C 237 -3.31 -3.22 -24.27
N ARG C 238 -2.30 -3.76 -23.64
CA ARG C 238 -1.67 -4.98 -24.15
C ARG C 238 -1.11 -5.74 -22.97
N ALA C 239 -0.83 -7.03 -23.22
CA ALA C 239 -0.07 -7.85 -22.29
C ALA C 239 1.43 -7.52 -22.43
N GLY C 240 2.16 -7.76 -21.35
CA GLY C 240 3.59 -7.62 -21.36
C GLY C 240 4.26 -8.88 -21.94
N THR C 241 5.53 -8.75 -22.27
CA THR C 241 6.30 -9.92 -22.72
C THR C 241 7.17 -10.45 -21.60
N ALA C 242 7.59 -11.72 -21.76
CA ALA C 242 8.48 -12.27 -20.75
C ALA C 242 9.79 -11.48 -20.73
N ARG C 243 10.25 -11.07 -21.90
CA ARG C 243 11.47 -10.25 -21.96
C ARG C 243 11.38 -8.93 -21.12
N GLU C 244 10.23 -8.28 -21.18
CA GLU C 244 10.02 -7.05 -20.41
C GLU C 244 10.16 -7.31 -18.91
N VAL C 245 9.63 -8.44 -18.44
CA VAL C 245 9.74 -8.77 -16.98
C VAL C 245 11.22 -9.10 -16.67
N ALA C 246 11.87 -9.84 -17.58
CA ALA C 246 13.27 -10.21 -17.38
C ALA C 246 14.16 -8.98 -17.24
N GLU C 247 13.89 -7.93 -18.00
CA GLU C 247 14.66 -6.68 -17.89
C GLU C 247 14.64 -6.14 -16.45
N ALA C 248 13.48 -6.20 -15.84
CA ALA C 248 13.32 -5.64 -14.47
C ALA C 248 14.02 -6.54 -13.48
N ILE C 249 13.86 -7.85 -13.65
CA ILE C 249 14.53 -8.83 -12.80
C ILE C 249 16.02 -8.60 -12.84
N VAL C 250 16.57 -8.53 -14.04
CA VAL C 250 18.00 -8.50 -14.17
C VAL C 250 18.58 -7.13 -13.70
N TRP C 251 17.81 -6.05 -13.88
CA TRP C 251 18.22 -4.76 -13.32
C TRP C 251 18.33 -4.82 -11.80
N LEU C 252 17.32 -5.38 -11.14
CA LEU C 252 17.30 -5.46 -9.68
C LEU C 252 18.42 -6.37 -9.16
N LEU C 253 18.77 -7.39 -9.94
CA LEU C 253 19.88 -8.26 -9.53
C LEU C 253 21.22 -7.60 -9.51
N GLY C 254 21.45 -6.70 -10.44
CA GLY C 254 22.76 -6.16 -10.74
C GLY C 254 23.13 -4.95 -9.88
N ASP C 255 24.32 -4.47 -10.16
CA ASP C 255 24.92 -3.41 -9.32
C ASP C 255 24.36 -2.04 -9.59
N GLN C 256 23.57 -1.86 -10.66
CA GLN C 256 22.98 -0.55 -10.89
C GLN C 256 21.87 -0.28 -9.84
N ALA C 257 21.35 -1.34 -9.23
CA ALA C 257 20.31 -1.28 -8.19
C ALA C 257 20.92 -1.44 -6.79
N SER C 258 22.12 -0.88 -6.62
CA SER C 258 22.93 -1.12 -5.37
C SER C 258 22.33 -0.56 -4.05
N TYR C 259 21.43 0.40 -4.13
CA TYR C 259 20.73 0.92 -2.95
C TYR C 259 19.28 0.55 -2.88
N THR C 260 18.90 -0.45 -3.67
CA THR C 260 17.55 -0.87 -3.75
C THR C 260 17.42 -2.21 -3.10
N THR C 261 16.73 -2.23 -1.97
CA THR C 261 16.42 -3.45 -1.26
C THR C 261 15.05 -3.32 -0.55
N GLY C 262 14.27 -4.39 -0.57
CA GLY C 262 12.90 -4.38 -0.12
C GLY C 262 11.89 -3.74 -1.08
N ALA C 263 12.29 -3.53 -2.33
CA ALA C 263 11.45 -2.82 -3.31
C ALA C 263 10.53 -3.84 -3.98
N LEU C 264 9.35 -3.35 -4.36
CA LEU C 264 8.32 -4.08 -5.09
C LEU C 264 8.12 -3.29 -6.40
N LEU C 265 8.65 -3.83 -7.50
CA LEU C 265 8.70 -3.14 -8.76
C LEU C 265 7.64 -3.69 -9.72
N ASP C 266 6.67 -2.84 -10.02
CA ASP C 266 5.50 -3.25 -10.83
C ASP C 266 5.86 -3.21 -12.29
N VAL C 267 5.57 -4.30 -13.00
CA VAL C 267 5.82 -4.40 -14.45
C VAL C 267 4.52 -4.86 -15.09
N THR C 268 3.58 -3.93 -15.22
CA THR C 268 2.21 -4.30 -15.35
C THR C 268 1.43 -3.53 -16.40
N GLY C 269 2.10 -2.64 -17.10
CA GLY C 269 1.38 -1.78 -18.04
C GLY C 269 0.40 -0.83 -17.38
N GLY C 270 0.59 -0.59 -16.06
CA GLY C 270 -0.31 0.30 -15.34
C GLY C 270 -1.39 -0.41 -14.49
N ARG C 271 -1.50 -1.72 -14.65
CA ARG C 271 -2.45 -2.49 -13.86
C ARG C 271 -1.94 -2.68 -12.41
N LEU D 24 -33.37 -16.81 16.97
CA LEU D 24 -33.20 -15.93 18.16
C LEU D 24 -32.46 -14.59 17.82
N SER D 25 -31.18 -14.70 17.44
CA SER D 25 -30.34 -13.53 17.09
C SER D 25 -29.20 -13.93 16.11
N LYS D 26 -28.33 -12.97 15.75
CA LYS D 26 -27.26 -13.27 14.80
C LYS D 26 -26.18 -14.14 15.45
N VAL D 27 -25.60 -15.04 14.66
CA VAL D 27 -24.62 -15.98 15.15
C VAL D 27 -23.23 -15.62 14.60
N VAL D 28 -22.24 -15.57 15.48
CA VAL D 28 -20.86 -15.33 15.13
C VAL D 28 -20.01 -16.49 15.54
N LEU D 29 -19.17 -16.94 14.62
CA LEU D 29 -18.16 -18.00 14.90
C LEU D 29 -16.84 -17.30 15.00
N ILE D 30 -16.20 -17.45 16.15
CA ILE D 30 -14.88 -16.91 16.40
C ILE D 30 -13.85 -17.97 16.56
N THR D 31 -12.99 -18.10 15.54
CA THR D 31 -11.90 -19.06 15.68
C THR D 31 -10.89 -18.55 16.70
N GLY D 32 -10.31 -19.48 17.43
CA GLY D 32 -9.49 -19.12 18.58
C GLY D 32 -10.15 -18.13 19.54
N GLY D 33 -11.40 -18.42 19.88
CA GLY D 33 -12.14 -17.59 20.76
C GLY D 33 -11.86 -17.76 22.23
N SER D 34 -10.99 -18.66 22.59
CA SER D 34 -10.88 -19.05 24.01
C SER D 34 -9.99 -18.09 24.82
N ARG D 35 -9.05 -17.40 24.15
CA ARG D 35 -8.08 -16.56 24.86
C ARG D 35 -7.84 -15.28 24.07
N GLY D 36 -7.22 -14.31 24.71
CA GLY D 36 -6.64 -13.17 23.97
C GLY D 36 -7.66 -12.36 23.21
N ILE D 37 -7.31 -11.98 22.01
CA ILE D 37 -8.15 -11.19 21.13
C ILE D 37 -9.47 -11.90 20.82
N GLY D 38 -9.41 -13.21 20.60
CA GLY D 38 -10.61 -13.95 20.33
C GLY D 38 -11.61 -13.91 21.46
N ALA D 39 -11.11 -14.11 22.67
CA ALA D 39 -11.98 -14.09 23.87
C ALA D 39 -12.59 -12.73 24.08
N ALA D 40 -11.77 -11.69 23.92
CA ALA D 40 -12.28 -10.34 24.08
C ALA D 40 -13.39 -10.06 23.05
N SER D 41 -13.20 -10.53 21.81
CA SER D 41 -14.15 -10.39 20.75
C SER D 41 -15.45 -11.15 21.03
N ALA D 42 -15.30 -12.36 21.56
CA ALA D 42 -16.44 -13.19 21.97
C ALA D 42 -17.31 -12.49 23.04
N LEU D 43 -16.65 -11.94 24.06
CA LEU D 43 -17.38 -11.21 25.11
C LEU D 43 -18.06 -9.95 24.57
N LEU D 44 -17.36 -9.20 23.71
CA LEU D 44 -17.92 -7.99 23.17
C LEU D 44 -19.07 -8.25 22.19
N ALA D 45 -18.91 -9.27 21.39
CA ALA D 45 -19.95 -9.62 20.44
C ALA D 45 -21.22 -10.04 21.15
N ALA D 46 -21.06 -10.77 22.21
CA ALA D 46 -22.22 -11.18 22.98
C ALA D 46 -22.93 -9.95 23.58
N ARG D 47 -22.16 -8.97 24.08
CA ARG D 47 -22.74 -7.73 24.62
C ARG D 47 -23.56 -7.02 23.55
N GLN D 48 -23.13 -7.14 22.30
CA GLN D 48 -23.87 -6.56 21.17
C GLN D 48 -25.04 -7.41 20.64
N GLY D 49 -25.25 -8.58 21.23
CA GLY D 49 -26.41 -9.38 20.91
C GLY D 49 -26.19 -10.60 20.05
N TYR D 50 -24.94 -10.87 19.64
CA TYR D 50 -24.64 -12.09 18.93
C TYR D 50 -24.67 -13.33 19.82
N ALA D 51 -25.12 -14.44 19.25
CA ALA D 51 -24.84 -15.73 19.83
C ALA D 51 -23.49 -16.11 19.33
N VAL D 52 -22.65 -16.65 20.21
CA VAL D 52 -21.24 -16.82 19.94
C VAL D 52 -20.80 -18.29 19.96
N ALA D 53 -20.24 -18.75 18.83
CA ALA D 53 -19.51 -20.03 18.85
C ALA D 53 -18.06 -19.78 19.13
N VAL D 54 -17.57 -20.26 20.27
CA VAL D 54 -16.22 -20.01 20.73
C VAL D 54 -15.39 -21.23 20.36
N ASN D 55 -14.60 -21.11 19.30
CA ASN D 55 -13.73 -22.22 18.86
C ASN D 55 -12.43 -22.21 19.66
N TYR D 56 -11.95 -23.38 19.90
CA TYR D 56 -10.64 -23.60 20.54
C TYR D 56 -10.01 -24.84 19.93
N ALA D 57 -8.70 -24.93 20.08
CA ALA D 57 -7.94 -26.02 19.52
C ALA D 57 -7.73 -27.07 20.57
N SER D 58 -7.30 -26.65 21.77
CA SER D 58 -7.15 -27.59 22.89
C SER D 58 -7.54 -27.10 24.30
N ASN D 59 -7.69 -25.79 24.51
CA ASN D 59 -7.87 -25.28 25.85
C ASN D 59 -9.32 -25.17 26.15
N SER D 60 -9.92 -26.31 26.45
CA SER D 60 -11.34 -26.40 26.68
CA SER D 60 -11.36 -26.35 26.63
C SER D 60 -11.75 -25.57 27.91
N ALA D 61 -10.88 -25.56 28.91
CA ALA D 61 -11.18 -24.83 30.13
C ALA D 61 -11.34 -23.33 29.84
N ALA D 62 -10.47 -22.80 29.02
CA ALA D 62 -10.51 -21.37 28.70
C ALA D 62 -11.76 -21.05 27.92
N ALA D 63 -12.04 -21.89 26.93
CA ALA D 63 -13.25 -21.70 26.15
C ALA D 63 -14.51 -21.77 27.04
N ASP D 64 -14.57 -22.76 27.91
CA ASP D 64 -15.70 -22.93 28.83
C ASP D 64 -15.87 -21.71 29.72
N GLU D 65 -14.77 -21.12 30.11
CA GLU D 65 -14.84 -19.93 30.91
C GLU D 65 -15.39 -18.73 30.12
N VAL D 66 -15.01 -18.59 28.86
CA VAL D 66 -15.59 -17.54 28.04
C VAL D 66 -17.10 -17.77 27.91
N VAL D 67 -17.50 -19.02 27.63
CA VAL D 67 -18.90 -19.37 27.45
C VAL D 67 -19.67 -19.04 28.77
N ARG D 68 -19.08 -19.41 29.90
CA ARG D 68 -19.71 -19.20 31.22
C ARG D 68 -19.98 -17.71 31.41
N GLN D 69 -18.99 -16.89 31.16
CA GLN D 69 -19.16 -15.44 31.24
C GLN D 69 -20.25 -14.89 30.33
N ILE D 70 -20.28 -15.36 29.10
CA ILE D 70 -21.33 -14.92 28.18
C ILE D 70 -22.72 -15.31 28.71
N ARG D 71 -22.88 -16.57 29.11
CA ARG D 71 -24.18 -17.06 29.59
C ARG D 71 -24.62 -16.39 30.91
N GLU D 72 -23.67 -16.11 31.77
CA GLU D 72 -24.01 -15.46 33.01
C GLU D 72 -24.51 -14.03 32.77
N ALA D 73 -24.12 -13.42 31.65
CA ALA D 73 -24.62 -12.11 31.28
C ALA D 73 -25.81 -12.16 30.33
N GLY D 74 -26.44 -13.33 30.26
CA GLY D 74 -27.64 -13.48 29.50
C GLY D 74 -27.48 -13.70 28.01
N GLY D 75 -26.26 -13.99 27.57
CA GLY D 75 -26.02 -14.27 26.19
C GLY D 75 -26.02 -15.74 25.91
N GLN D 76 -25.88 -16.05 24.62
CA GLN D 76 -25.83 -17.43 24.17
C GLN D 76 -24.47 -17.76 23.57
N ALA D 77 -23.94 -18.91 23.91
CA ALA D 77 -22.63 -19.29 23.47
C ALA D 77 -22.46 -20.80 23.58
N LEU D 78 -21.56 -21.32 22.77
CA LEU D 78 -21.24 -22.73 22.74
C LEU D 78 -19.77 -22.83 22.51
N ALA D 79 -19.11 -23.72 23.20
CA ALA D 79 -17.68 -23.95 22.90
C ALA D 79 -17.57 -25.04 21.84
N VAL D 80 -16.72 -24.85 20.84
CA VAL D 80 -16.60 -25.85 19.77
CA VAL D 80 -16.59 -25.87 19.75
C VAL D 80 -15.13 -26.15 19.42
N GLN D 81 -14.71 -27.38 19.62
CA GLN D 81 -13.33 -27.72 19.45
C GLN D 81 -13.13 -27.90 17.93
N ALA D 82 -12.06 -27.34 17.42
CA ALA D 82 -11.54 -27.69 16.08
C ALA D 82 -10.16 -27.07 15.84
N ASP D 83 -9.28 -27.86 15.20
CA ASP D 83 -8.01 -27.38 14.70
C ASP D 83 -8.32 -26.89 13.26
N VAL D 84 -8.21 -25.61 13.03
CA VAL D 84 -8.67 -25.02 11.78
C VAL D 84 -7.82 -25.46 10.61
N ALA D 85 -6.67 -26.06 10.85
CA ALA D 85 -5.86 -26.59 9.75
C ALA D 85 -6.37 -27.94 9.24
N LYS D 86 -7.29 -28.54 10.00
CA LYS D 86 -7.88 -29.80 9.61
C LYS D 86 -9.22 -29.65 9.01
N GLU D 87 -9.34 -29.99 7.74
CA GLU D 87 -10.59 -29.83 6.99
CA GLU D 87 -10.62 -29.76 7.09
C GLU D 87 -11.80 -30.51 7.66
N ARG D 88 -11.64 -31.78 8.06
CA ARG D 88 -12.81 -32.52 8.58
C ARG D 88 -13.26 -31.88 9.89
N GLU D 89 -12.32 -31.29 10.59
CA GLU D 89 -12.66 -30.61 11.87
C GLU D 89 -13.38 -29.26 11.66
N VAL D 90 -12.96 -28.54 10.67
CA VAL D 90 -13.66 -27.31 10.26
C VAL D 90 -15.09 -27.65 9.82
N LEU D 91 -15.26 -28.65 8.96
CA LEU D 91 -16.58 -29.04 8.53
C LEU D 91 -17.44 -29.43 9.73
N ALA D 92 -16.91 -30.29 10.59
CA ALA D 92 -17.70 -30.75 11.75
C ALA D 92 -18.09 -29.54 12.64
N MSE D 93 -17.18 -28.59 12.77
CA MSE D 93 -17.43 -27.38 13.61
C MSE D 93 -18.57 -26.59 13.00
O MSE D 93 -19.49 -26.19 13.71
CB MSE D 93 -16.18 -26.48 13.77
CG MSE D 93 -16.56 -25.06 14.15
SE MSE D 93 -14.87 -24.09 14.53
CE MSE D 93 -14.10 -24.06 12.76
N PHE D 94 -18.56 -26.38 11.70
CA PHE D 94 -19.64 -25.62 11.05
C PHE D 94 -20.98 -26.37 11.16
N GLU D 95 -20.92 -27.71 11.08
CA GLU D 95 -22.13 -28.53 11.15
C GLU D 95 -22.74 -28.43 12.57
N THR D 96 -21.88 -28.34 13.57
CA THR D 96 -22.28 -28.18 14.95
C THR D 96 -22.94 -26.82 15.17
N VAL D 97 -22.33 -25.78 14.64
CA VAL D 97 -22.91 -24.48 14.69
C VAL D 97 -24.26 -24.39 13.98
N ASP D 98 -24.35 -24.95 12.80
CA ASP D 98 -25.58 -25.05 12.05
C ASP D 98 -26.68 -25.64 12.95
N ALA D 99 -26.37 -26.78 13.58
CA ALA D 99 -27.37 -27.54 14.35
C ALA D 99 -27.75 -26.89 15.68
N GLN D 100 -26.79 -26.29 16.35
CA GLN D 100 -27.00 -25.85 17.71
C GLN D 100 -27.25 -24.36 17.86
N LEU D 101 -26.72 -23.55 16.95
CA LEU D 101 -26.91 -22.12 17.02
C LEU D 101 -27.72 -21.58 15.86
N GLY D 102 -27.52 -22.14 14.68
CA GLY D 102 -28.23 -21.72 13.48
C GLY D 102 -27.24 -21.22 12.44
N ARG D 103 -27.77 -20.68 11.36
CA ARG D 103 -26.99 -20.25 10.22
C ARG D 103 -26.17 -19.02 10.61
N LEU D 104 -24.87 -19.07 10.43
CA LEU D 104 -24.06 -17.94 10.92
C LEU D 104 -24.27 -16.67 10.11
N SER D 105 -24.14 -15.56 10.79
CA SER D 105 -24.15 -14.24 10.16
C SER D 105 -22.74 -13.62 10.11
N ALA D 106 -21.81 -14.16 10.90
CA ALA D 106 -20.51 -13.54 11.05
C ALA D 106 -19.42 -14.56 11.38
N LEU D 107 -18.23 -14.25 10.92
CA LEU D 107 -17.05 -15.08 11.15
C LEU D 107 -15.88 -14.20 11.48
N VAL D 108 -15.18 -14.53 12.54
CA VAL D 108 -13.93 -13.87 12.88
C VAL D 108 -12.85 -14.93 12.77
N ASN D 109 -12.00 -14.81 11.74
CA ASN D 109 -10.82 -15.66 11.55
C ASN D 109 -9.66 -15.16 12.41
N ASN D 110 -9.67 -15.56 13.67
CA ASN D 110 -8.69 -15.09 14.64
C ASN D 110 -7.66 -16.11 15.00
N ALA D 111 -7.99 -17.40 14.90
CA ALA D 111 -7.05 -18.41 15.25
C ALA D 111 -5.69 -18.10 14.58
N GLY D 112 -4.64 -18.18 15.34
CA GLY D 112 -3.32 -17.97 14.75
C GLY D 112 -2.25 -18.23 15.78
N VAL D 113 -1.03 -18.42 15.28
CA VAL D 113 0.11 -18.75 16.10
C VAL D 113 1.32 -18.00 15.59
N VAL D 114 2.29 -17.87 16.48
CA VAL D 114 3.66 -17.44 16.14
C VAL D 114 4.55 -18.66 16.33
N ASP D 115 5.87 -18.47 16.35
CA ASP D 115 6.77 -19.57 16.69
C ASP D 115 7.99 -18.82 17.24
N GLN D 116 9.02 -19.57 17.56
CA GLN D 116 10.21 -19.02 18.18
C GLN D 116 10.88 -18.04 17.25
N THR D 117 11.63 -17.13 17.83
CA THR D 117 12.48 -16.19 17.03
C THR D 117 13.35 -16.97 16.07
N THR D 118 13.38 -16.55 14.81
CA THR D 118 14.23 -17.19 13.80
C THR D 118 14.56 -16.18 12.68
N ARG D 119 15.71 -16.40 12.07
CA ARG D 119 16.02 -15.83 10.76
C ARG D 119 15.55 -16.80 9.69
N VAL D 120 15.40 -16.26 8.49
CA VAL D 120 14.98 -17.08 7.34
C VAL D 120 15.96 -18.17 7.09
N ASP D 121 17.24 -17.93 7.26
CA ASP D 121 18.21 -18.99 6.98
C ASP D 121 18.14 -20.17 7.92
N GLY D 122 17.35 -20.01 8.99
CA GLY D 122 17.12 -21.10 9.96
C GLY D 122 15.73 -21.76 9.89
N ILE D 123 14.91 -21.38 8.93
CA ILE D 123 13.56 -21.85 8.82
C ILE D 123 13.49 -23.27 8.22
N THR D 124 12.72 -24.12 8.82
CA THR D 124 12.53 -25.47 8.27
C THR D 124 11.20 -25.53 7.53
N LEU D 125 11.09 -26.51 6.64
CA LEU D 125 9.80 -26.73 5.95
C LEU D 125 8.70 -27.03 6.96
N GLU D 126 9.00 -27.82 7.97
CA GLU D 126 7.97 -28.22 8.97
C GLU D 126 7.40 -26.93 9.64
N ARG D 127 8.28 -26.02 9.95
CA ARG D 127 7.84 -24.74 10.62
C ARG D 127 6.91 -23.97 9.69
N LEU D 128 7.32 -23.86 8.43
CA LEU D 128 6.55 -23.13 7.44
C LEU D 128 5.17 -23.75 7.26
N GLN D 129 5.16 -25.07 7.22
CA GLN D 129 3.91 -25.82 7.02
C GLN D 129 2.90 -25.47 8.14
N ARG D 130 3.37 -25.56 9.36
CA ARG D 130 2.57 -25.21 10.55
C ARG D 130 2.10 -23.76 10.52
N MSE D 131 3.02 -22.85 10.26
CA MSE D 131 2.69 -21.40 10.27
C MSE D 131 1.60 -21.07 9.27
O MSE D 131 0.62 -20.37 9.58
CB MSE D 131 3.98 -20.67 10.00
CG MSE D 131 3.92 -19.15 10.04
SE MSE D 131 3.66 -18.62 11.97
CE MSE D 131 5.50 -18.90 12.50
N PHE D 132 1.74 -21.58 8.06
CA PHE D 132 0.78 -21.29 7.06
C PHE D 132 -0.50 -22.07 7.17
N GLU D 133 -0.45 -23.32 7.59
CA GLU D 133 -1.67 -24.10 7.63
C GLU D 133 -2.64 -23.56 8.72
N ILE D 134 -2.14 -23.07 9.83
CA ILE D 134 -3.01 -22.46 10.85
C ILE D 134 -3.40 -21.01 10.45
N ASN D 135 -2.42 -20.18 10.19
CA ASN D 135 -2.69 -18.78 9.95
C ASN D 135 -3.35 -18.48 8.60
N VAL D 136 -3.07 -19.26 7.56
CA VAL D 136 -3.66 -18.96 6.26
C VAL D 136 -4.69 -20.01 5.88
N PHE D 137 -4.31 -21.30 5.82
CA PHE D 137 -5.22 -22.34 5.27
C PHE D 137 -6.49 -22.34 6.13
N GLY D 138 -6.35 -22.27 7.44
CA GLY D 138 -7.49 -22.25 8.35
C GLY D 138 -8.47 -21.16 8.02
N SER D 139 -7.95 -19.97 7.73
CA SER D 139 -8.81 -18.81 7.42
C SER D 139 -9.53 -19.00 6.09
N PHE D 140 -8.84 -19.58 5.10
CA PHE D 140 -9.51 -19.94 3.84
C PHE D 140 -10.57 -20.97 4.04
N LEU D 141 -10.28 -22.05 4.77
CA LEU D 141 -11.28 -23.10 4.97
C LEU D 141 -12.51 -22.55 5.71
N CYS D 142 -12.27 -21.79 6.76
CA CYS D 142 -13.41 -21.24 7.48
C CYS D 142 -14.23 -20.25 6.63
N ALA D 143 -13.54 -19.39 5.87
CA ALA D 143 -14.22 -18.50 4.98
C ALA D 143 -15.03 -19.25 3.93
N ARG D 144 -14.47 -20.33 3.38
CA ARG D 144 -15.20 -21.16 2.43
C ARG D 144 -16.55 -21.58 2.98
N GLU D 145 -16.54 -22.19 4.15
CA GLU D 145 -17.76 -22.68 4.84
C GLU D 145 -18.70 -21.56 5.20
N ALA D 146 -18.16 -20.40 5.56
CA ALA D 146 -18.98 -19.23 5.87
C ALA D 146 -19.69 -18.67 4.64
N VAL D 147 -18.95 -18.51 3.57
CA VAL D 147 -19.51 -18.06 2.33
C VAL D 147 -20.66 -18.98 1.83
N LYS D 148 -20.45 -20.28 1.91
CA LYS D 148 -21.46 -21.24 1.47
C LYS D 148 -22.78 -21.02 2.16
N ARG D 149 -22.74 -20.60 3.44
CA ARG D 149 -23.91 -20.35 4.27
C ARG D 149 -24.48 -18.94 4.15
N MSE D 150 -23.58 -17.97 4.05
CA MSE D 150 -23.95 -16.54 4.04
C MSE D 150 -24.45 -15.99 2.72
O MSE D 150 -25.30 -15.14 2.68
CB MSE D 150 -22.68 -15.78 4.39
CG MSE D 150 -22.45 -15.68 5.87
SE MSE D 150 -20.58 -14.87 6.03
CE MSE D 150 -20.66 -15.01 7.97
N SER D 151 -23.87 -16.46 1.64
CA SER D 151 -24.09 -15.85 0.32
C SER D 151 -25.53 -15.82 -0.06
N THR D 152 -25.99 -14.65 -0.54
CA THR D 152 -27.35 -14.57 -1.09
C THR D 152 -27.54 -15.44 -2.35
N ARG D 153 -26.45 -15.88 -2.98
CA ARG D 153 -26.60 -16.79 -4.17
C ARG D 153 -27.12 -18.11 -3.78
N TYR D 154 -26.87 -18.47 -2.53
CA TYR D 154 -27.24 -19.80 -2.08
C TYR D 154 -28.42 -19.71 -1.13
N GLY D 155 -29.13 -18.58 -1.16
CA GLY D 155 -30.30 -18.37 -0.30
C GLY D 155 -29.96 -17.92 1.10
N GLY D 156 -28.74 -17.49 1.33
CA GLY D 156 -28.39 -16.91 2.65
C GLY D 156 -28.84 -15.44 2.67
N SER D 157 -28.60 -14.78 3.79
CA SER D 157 -29.00 -13.41 3.98
C SER D 157 -27.84 -12.47 4.12
N GLY D 158 -26.66 -12.94 3.73
CA GLY D 158 -25.46 -12.15 3.77
C GLY D 158 -24.74 -12.32 5.10
N GLY D 159 -23.70 -11.58 5.30
CA GLY D 159 -22.94 -11.64 6.51
C GLY D 159 -21.66 -10.81 6.47
N SER D 160 -20.79 -11.05 7.44
CA SER D 160 -19.59 -10.31 7.59
C SER D 160 -18.46 -11.16 8.10
N ILE D 161 -17.31 -11.05 7.45
CA ILE D 161 -16.10 -11.82 7.84
C ILE D 161 -14.98 -10.87 8.19
N VAL D 162 -14.39 -11.05 9.37
CA VAL D 162 -13.21 -10.27 9.75
C VAL D 162 -12.04 -11.23 9.91
N ASN D 163 -10.99 -11.01 9.13
CA ASN D 163 -9.76 -11.68 9.28
C ASN D 163 -8.83 -10.89 10.23
N VAL D 164 -8.12 -11.60 11.09
CA VAL D 164 -7.09 -10.99 11.93
C VAL D 164 -5.73 -11.14 11.31
N SER D 165 -5.19 -10.03 10.79
CA SER D 165 -3.90 -9.93 10.24
C SER D 165 -2.90 -9.48 11.27
N SER D 166 -1.98 -8.58 10.93
CA SER D 166 -1.00 -8.02 11.84
C SER D 166 -0.34 -6.84 11.17
N ALA D 167 0.16 -5.89 11.92
CA ALA D 167 1.13 -4.89 11.37
C ALA D 167 2.32 -5.57 10.70
N ALA D 168 2.66 -6.83 11.14
CA ALA D 168 3.80 -7.54 10.57
C ALA D 168 3.59 -7.73 9.08
N ALA D 169 2.34 -7.71 8.62
CA ALA D 169 2.06 -7.86 7.16
C ALA D 169 2.71 -6.75 6.38
N ARG D 170 2.77 -5.57 6.99
CA ARG D 170 3.43 -4.42 6.37
C ARG D 170 4.90 -4.36 6.71
N LEU D 171 5.31 -4.79 7.89
CA LEU D 171 6.66 -4.54 8.36
C LEU D 171 7.69 -5.68 8.12
N GLY D 172 7.21 -6.93 8.09
CA GLY D 172 8.01 -8.10 7.70
C GLY D 172 8.66 -8.88 8.79
N SER D 173 8.54 -8.44 10.06
CA SER D 173 9.18 -9.11 11.21
C SER D 173 10.63 -9.63 11.00
N PRO D 174 11.54 -8.78 10.46
CA PRO D 174 12.89 -9.21 10.19
C PRO D 174 13.62 -9.70 11.41
N GLY D 175 14.31 -10.82 11.29
CA GLY D 175 15.10 -11.36 12.37
C GLY D 175 14.25 -11.96 13.48
N GLN D 176 12.95 -12.08 13.27
CA GLN D 176 12.02 -12.54 14.30
C GLN D 176 11.16 -13.67 13.73
N TYR D 177 10.33 -13.37 12.77
CA TYR D 177 9.52 -14.38 12.10
C TYR D 177 8.96 -13.91 10.77
N VAL D 178 9.83 -13.85 9.78
CA VAL D 178 9.44 -13.37 8.48
C VAL D 178 8.33 -14.28 7.94
N ASP D 179 8.39 -15.57 8.26
CA ASP D 179 7.29 -16.51 7.91
C ASP D 179 5.90 -16.16 8.42
N TYR D 180 5.84 -15.78 9.70
CA TYR D 180 4.61 -15.23 10.27
C TYR D 180 4.15 -13.98 9.55
N ALA D 181 5.08 -13.06 9.31
CA ALA D 181 4.70 -11.84 8.66
C ALA D 181 4.16 -12.13 7.25
N ALA D 182 4.85 -13.00 6.53
CA ALA D 182 4.36 -13.41 5.21
C ALA D 182 2.97 -14.06 5.22
N ALA D 183 2.69 -14.91 6.22
CA ALA D 183 1.39 -15.52 6.37
C ALA D 183 0.34 -14.38 6.52
N LYS D 184 0.68 -13.37 7.28
CA LYS D 184 -0.24 -12.24 7.48
C LYS D 184 -0.38 -11.38 6.24
N GLY D 185 0.70 -11.21 5.45
CA GLY D 185 0.63 -10.59 4.10
C GLY D 185 -0.36 -11.34 3.19
N ALA D 186 -0.34 -12.66 3.26
CA ALA D 186 -1.32 -13.48 2.53
C ALA D 186 -2.73 -13.18 2.98
N ILE D 187 -2.93 -13.03 4.31
CA ILE D 187 -4.25 -12.68 4.82
C ILE D 187 -4.74 -11.33 4.32
N ASP D 188 -3.86 -10.35 4.26
CA ASP D 188 -4.25 -9.04 3.74
C ASP D 188 -4.74 -9.13 2.28
N THR D 189 -3.98 -9.87 1.45
CA THR D 189 -4.41 -10.02 0.07
C THR D 189 -5.66 -10.85 -0.08
N PHE D 190 -5.75 -11.96 0.66
CA PHE D 190 -6.97 -12.80 0.73
C PHE D 190 -8.19 -11.96 1.09
N THR D 191 -8.04 -11.05 2.04
CA THR D 191 -9.11 -10.16 2.45
C THR D 191 -9.65 -9.33 1.27
N LEU D 192 -8.74 -8.71 0.54
CA LEU D 192 -9.07 -7.87 -0.58
CA LEU D 192 -9.07 -7.88 -0.57
C LEU D 192 -9.73 -8.69 -1.71
N GLY D 193 -9.13 -9.83 -1.99
CA GLY D 193 -9.63 -10.71 -3.08
C GLY D 193 -11.00 -11.30 -2.83
N LEU D 194 -11.17 -11.82 -1.64
CA LEU D 194 -12.43 -12.38 -1.22
C LEU D 194 -13.48 -11.31 -1.12
N ALA D 195 -13.14 -10.15 -0.52
CA ALA D 195 -14.11 -9.04 -0.46
C ALA D 195 -14.67 -8.71 -1.84
N LYS D 196 -13.79 -8.59 -2.80
CA LYS D 196 -14.22 -8.25 -4.15
C LYS D 196 -15.08 -9.41 -4.78
N GLU D 197 -14.72 -10.64 -4.48
CA GLU D 197 -15.39 -11.78 -5.03
C GLU D 197 -16.84 -11.98 -4.57
N VAL D 198 -17.14 -11.64 -3.30
CA VAL D 198 -18.44 -11.89 -2.69
C VAL D 198 -19.19 -10.58 -2.41
N ALA D 199 -18.69 -9.47 -3.00
CA ALA D 199 -19.32 -8.14 -2.74
C ALA D 199 -20.75 -8.04 -3.22
N THR D 200 -21.15 -8.78 -4.27
CA THR D 200 -22.55 -8.73 -4.73
C THR D 200 -23.49 -9.69 -3.95
N GLU D 201 -22.97 -10.44 -2.98
CA GLU D 201 -23.63 -11.56 -2.35
C GLU D 201 -23.95 -11.26 -0.90
N GLY D 202 -23.91 -9.97 -0.56
CA GLY D 202 -24.36 -9.53 0.77
C GLY D 202 -23.32 -9.78 1.86
N ILE D 203 -22.12 -10.15 1.46
CA ILE D 203 -21.02 -10.48 2.40
C ILE D 203 -19.99 -9.36 2.32
N ARG D 204 -19.55 -8.88 3.46
CA ARG D 204 -18.40 -7.96 3.60
C ARG D 204 -17.25 -8.73 4.21
N VAL D 205 -16.04 -8.41 3.79
CA VAL D 205 -14.84 -9.03 4.24
C VAL D 205 -13.77 -8.01 4.48
N ASN D 206 -13.32 -7.94 5.74
CA ASN D 206 -12.36 -6.94 6.19
C ASN D 206 -11.31 -7.55 7.09
N ALA D 207 -10.21 -6.87 7.30
CA ALA D 207 -9.17 -7.33 8.23
C ALA D 207 -8.81 -6.27 9.22
N VAL D 208 -8.56 -6.69 10.46
CA VAL D 208 -7.87 -5.86 11.40
CA VAL D 208 -7.85 -5.86 11.41
C VAL D 208 -6.37 -6.21 11.42
N ARG D 209 -5.51 -5.21 11.52
CA ARG D 209 -4.09 -5.43 11.65
C ARG D 209 -3.67 -4.94 13.04
N PRO D 210 -3.65 -5.84 14.04
CA PRO D 210 -3.15 -5.35 15.32
C PRO D 210 -1.66 -5.17 15.32
N GLY D 211 -1.21 -4.29 16.18
CA GLY D 211 0.19 -4.14 16.46
C GLY D 211 0.57 -5.06 17.64
N ILE D 212 1.32 -4.56 18.57
CA ILE D 212 1.78 -5.31 19.70
C ILE D 212 0.67 -5.20 20.80
N ILE D 213 0.05 -6.34 21.13
CA ILE D 213 -1.08 -6.48 21.96
C ILE D 213 -0.70 -7.34 23.18
N GLU D 214 -1.15 -6.91 24.36
CA GLU D 214 -0.98 -7.68 25.61
C GLU D 214 -1.83 -8.98 25.56
N THR D 215 -1.26 -10.06 25.07
CA THR D 215 -1.82 -11.45 25.13
C THR D 215 -0.68 -12.44 25.44
N ASP D 216 -1.07 -13.71 25.60
CA ASP D 216 -0.16 -14.85 25.85
C ASP D 216 0.67 -15.20 24.61
N ILE D 217 0.32 -14.63 23.46
CA ILE D 217 0.96 -15.16 22.20
C ILE D 217 2.49 -14.97 22.21
N HIS D 218 2.94 -13.86 22.80
CA HIS D 218 4.37 -13.52 22.81
C HIS D 218 5.14 -14.53 23.67
N ALA D 219 4.59 -14.84 24.85
CA ALA D 219 5.12 -15.96 25.67
C ALA D 219 5.14 -17.32 24.92
N SER D 220 4.11 -17.60 24.15
CA SER D 220 4.06 -18.89 23.40
C SER D 220 5.25 -19.07 22.40
N GLY D 221 5.78 -17.95 21.89
CA GLY D 221 6.99 -17.95 21.03
C GLY D 221 8.29 -17.64 21.76
N GLY D 222 8.28 -17.69 23.09
CA GLY D 222 9.49 -17.55 23.88
C GLY D 222 9.88 -16.13 24.24
N LEU D 223 8.98 -15.16 24.02
CA LEU D 223 9.24 -13.73 24.34
C LEU D 223 8.14 -13.17 25.29
N PRO D 224 8.11 -13.67 26.55
CA PRO D 224 7.01 -13.27 27.48
C PRO D 224 6.92 -11.74 27.77
N ASN D 225 8.06 -11.04 27.67
CA ASN D 225 8.15 -9.56 27.92
C ASN D 225 8.03 -8.67 26.64
N ARG D 226 7.66 -9.28 25.54
CA ARG D 226 7.66 -8.57 24.26
C ARG D 226 6.73 -7.33 24.22
N ALA D 227 5.50 -7.43 24.77
CA ALA D 227 4.62 -6.25 24.82
C ALA D 227 5.33 -5.02 25.47
N ARG D 228 5.94 -5.27 26.62
CA ARG D 228 6.69 -4.22 27.34
C ARG D 228 7.98 -3.78 26.62
N ASP D 229 8.77 -4.74 26.15
CA ASP D 229 10.04 -4.45 25.47
C ASP D 229 9.87 -3.64 24.17
N VAL D 230 8.81 -3.92 23.41
CA VAL D 230 8.58 -3.29 22.11
C VAL D 230 7.76 -1.99 22.26
N ALA D 231 7.13 -1.78 23.40
CA ALA D 231 6.33 -0.58 23.63
C ALA D 231 7.06 0.75 23.24
N PRO D 232 8.34 0.91 23.62
CA PRO D 232 9.06 2.10 23.21
C PRO D 232 9.14 2.29 21.70
N GLN D 233 9.00 1.23 20.92
CA GLN D 233 9.00 1.35 19.44
C GLN D 233 7.68 1.90 18.87
N VAL D 234 6.60 1.77 19.62
CA VAL D 234 5.25 2.12 19.16
C VAL D 234 5.07 3.63 19.36
N PRO D 235 4.55 4.34 18.35
CA PRO D 235 4.44 5.83 18.53
C PRO D 235 3.66 6.21 19.84
N MSE D 236 2.58 5.50 20.11
CA MSE D 236 1.81 5.71 21.35
C MSE D 236 2.49 5.22 22.62
O MSE D 236 2.03 5.51 23.72
CB MSE D 236 0.42 5.15 21.24
CG MSE D 236 -0.50 6.03 20.41
SE MSE D 236 -2.40 5.36 20.36
CE MSE D 236 -2.49 5.10 22.27
N GLN D 237 3.60 4.51 22.48
CA GLN D 237 4.48 4.11 23.60
C GLN D 237 3.85 3.12 24.55
N ARG D 238 2.88 2.39 24.10
CA ARG D 238 2.33 1.32 24.91
C ARG D 238 1.86 0.23 23.98
N ALA D 239 1.72 -0.98 24.56
CA ALA D 239 1.02 -2.04 23.87
C ALA D 239 -0.49 -1.76 23.86
N GLY D 240 -1.20 -2.36 22.92
CA GLY D 240 -2.63 -2.35 22.92
C GLY D 240 -3.20 -3.46 23.81
N THR D 241 -4.50 -3.38 24.09
CA THR D 241 -5.20 -4.46 24.81
C THR D 241 -6.05 -5.27 23.87
N ALA D 242 -6.37 -6.47 24.27
CA ALA D 242 -7.25 -7.31 23.44
C ALA D 242 -8.62 -6.69 23.25
N ARG D 243 -9.12 -6.03 24.31
CA ARG D 243 -10.36 -5.31 24.19
C ARG D 243 -10.33 -4.25 23.07
N GLU D 244 -9.21 -3.56 22.92
CA GLU D 244 -9.10 -2.52 21.90
C GLU D 244 -9.17 -3.14 20.49
N VAL D 245 -8.55 -4.31 20.31
CA VAL D 245 -8.68 -5.00 19.02
C VAL D 245 -10.13 -5.52 18.81
N ALA D 246 -10.74 -6.04 19.86
CA ALA D 246 -12.10 -6.60 19.81
C ALA D 246 -13.06 -5.52 19.33
N GLU D 247 -12.83 -4.26 19.78
CA GLU D 247 -13.70 -3.16 19.36
C GLU D 247 -13.70 -2.91 17.86
N ALA D 248 -12.54 -2.99 17.26
CA ALA D 248 -12.39 -2.81 15.85
C ALA D 248 -13.04 -3.98 15.10
N ILE D 249 -12.78 -5.22 15.57
CA ILE D 249 -13.41 -6.39 15.01
C ILE D 249 -14.92 -6.31 14.99
N VAL D 250 -15.52 -5.98 16.13
CA VAL D 250 -16.91 -6.00 16.22
C VAL D 250 -17.54 -4.85 15.46
N TRP D 251 -16.84 -3.72 15.36
CA TRP D 251 -17.34 -2.64 14.55
C TRP D 251 -17.47 -3.10 13.08
N LEU D 252 -16.43 -3.69 12.59
CA LEU D 252 -16.43 -4.13 11.22
C LEU D 252 -17.48 -5.17 10.95
N LEU D 253 -17.72 -6.02 11.91
CA LEU D 253 -18.75 -7.08 11.74
C LEU D 253 -20.15 -6.54 11.60
N GLY D 254 -20.41 -5.40 12.27
CA GLY D 254 -21.76 -4.84 12.40
C GLY D 254 -22.25 -3.95 11.25
N ASP D 255 -23.50 -3.55 11.36
CA ASP D 255 -24.16 -2.80 10.33
C ASP D 255 -23.71 -1.33 10.25
N GLN D 256 -22.97 -0.83 11.22
CA GLN D 256 -22.40 0.53 11.05
C GLN D 256 -21.27 0.58 10.01
N ALA D 257 -20.69 -0.58 9.70
CA ALA D 257 -19.68 -0.66 8.69
C ALA D 257 -20.23 -1.19 7.32
N SER D 258 -21.47 -0.80 6.99
CA SER D 258 -22.27 -1.41 5.90
C SER D 258 -21.67 -1.12 4.49
N TYR D 259 -20.83 -0.09 4.33
CA TYR D 259 -20.16 0.13 3.04
C TYR D 259 -18.69 -0.16 3.09
N THR D 260 -18.23 -0.84 4.13
CA THR D 260 -16.83 -1.12 4.34
C THR D 260 -16.55 -2.57 4.02
N THR D 261 -15.82 -2.77 2.92
CA THR D 261 -15.41 -4.13 2.53
C THR D 261 -14.09 -4.02 1.85
N GLY D 262 -13.22 -4.97 2.13
CA GLY D 262 -11.87 -4.96 1.57
C GLY D 262 -10.94 -3.99 2.32
N ALA D 263 -11.35 -3.54 3.51
CA ALA D 263 -10.54 -2.61 4.29
C ALA D 263 -9.55 -3.37 5.15
N LEU D 264 -8.43 -2.70 5.45
CA LEU D 264 -7.39 -3.18 6.32
C LEU D 264 -7.25 -2.12 7.41
N LEU D 265 -7.73 -2.44 8.58
CA LEU D 265 -7.87 -1.49 9.69
C LEU D 265 -6.79 -1.68 10.76
N ASP D 266 -5.84 -0.73 10.79
CA ASP D 266 -4.72 -0.83 11.66
C ASP D 266 -5.17 -0.47 13.08
N VAL D 267 -4.83 -1.35 14.03
CA VAL D 267 -5.00 -1.14 15.48
C VAL D 267 -3.65 -1.33 16.13
N THR D 268 -2.78 -0.33 16.04
CA THR D 268 -1.36 -0.53 16.20
C THR D 268 -0.67 0.57 17.04
N GLY D 269 -1.44 1.56 17.57
CA GLY D 269 -0.73 2.65 18.25
C GLY D 269 0.20 3.44 17.34
N GLY D 270 -0.02 3.35 16.00
CA GLY D 270 0.80 4.08 15.04
C GLY D 270 1.92 3.25 14.37
N ARG D 271 2.14 2.05 14.88
CA ARG D 271 3.18 1.18 14.33
C ARG D 271 2.72 0.58 12.98
C FMT E . -10.70 7.03 -9.58
O1 FMT E . -10.16 7.52 -8.60
O2 FMT E . -10.01 6.23 -10.38
C FMT F . -11.16 -1.13 -0.55
O1 FMT F . -11.99 -1.19 0.39
O2 FMT F . -10.34 -2.17 -0.89
C FMT G . -19.12 11.87 23.51
O1 FMT G . -18.52 12.89 23.78
O2 FMT G . -18.42 10.92 22.90
PA NAP H . -20.37 18.28 -0.65
O1A NAP H . -19.87 19.03 -1.89
O2A NAP H . -21.68 17.56 -0.62
O5B NAP H . -20.21 19.20 0.68
C5B NAP H . -19.06 20.06 0.70
C4B NAP H . -18.89 20.72 2.06
O4B NAP H . -17.59 21.28 2.12
C3B NAP H . -19.89 21.86 2.23
O3B NAP H . -20.31 21.97 3.60
C2B NAP H . -19.11 23.13 1.83
O2B NAP H . -19.64 24.32 2.44
C1B NAP H . -17.72 22.72 2.32
N9A NAP H . -16.58 23.52 1.78
C8A NAP H . -16.19 23.60 0.48
N7A NAP H . -15.11 24.42 0.35
C5A NAP H . -14.83 24.92 1.59
C6A NAP H . -13.81 25.84 2.14
N6A NAP H . -12.92 26.41 1.31
N1A NAP H . -13.82 26.11 3.47
C2A NAP H . -14.75 25.53 4.30
N3A NAP H . -15.72 24.69 3.86
C4A NAP H . -15.79 24.33 2.54
O3 NAP H . -19.08 17.31 -0.44
PN NAP H . -19.08 15.77 0.15
O1N NAP H . -19.88 15.56 1.41
O2N NAP H . -19.32 14.87 -1.06
O5D NAP H . -17.53 15.76 0.52
C5D NAP H . -17.05 15.79 1.85
C4D NAP H . -15.66 15.26 1.83
O4D NAP H . -15.78 13.94 1.28
C3D NAP H . -14.77 16.05 0.92
O3D NAP H . -13.51 16.19 1.57
C2D NAP H . -14.67 15.16 -0.34
O2D NAP H . -13.46 15.30 -1.08
C1D NAP H . -14.75 13.76 0.31
N1N NAP H . -15.08 12.66 -0.59
C2N NAP H . -16.33 12.59 -1.12
C3N NAP H . -16.67 11.51 -1.99
C7N NAP H . -18.03 11.46 -2.59
O7N NAP H . -18.93 12.28 -2.17
N7N NAP H . -18.19 10.57 -3.60
C4N NAP H . -15.69 10.54 -2.32
C5N NAP H . -14.42 10.62 -1.78
C6N NAP H . -14.13 11.70 -0.86
P2B NAP H . -20.96 25.15 1.94
O1X NAP H . -22.21 24.38 2.24
O2X NAP H . -20.87 26.48 2.68
O3X NAP H . -20.80 25.20 0.46
C FMT I . 1.08 -0.21 -11.21
O1 FMT I . 0.39 0.76 -10.86
O2 FMT I . 2.15 -0.05 -12.00
C FMT J . 11.76 0.09 0.80
O1 FMT J . 12.71 -0.31 0.07
O2 FMT J . 10.86 -0.73 1.45
C1 GOL K . 9.97 4.60 -23.27
O1 GOL K . 11.39 4.54 -23.16
C2 GOL K . 9.55 5.66 -24.26
O2 GOL K . 10.25 6.83 -23.93
C3 GOL K . 8.08 5.92 -24.09
O3 GOL K . 7.25 4.77 -24.10
PA NAP L . 19.49 19.64 -4.05
O1A NAP L . 18.97 20.49 -2.92
O2A NAP L . 20.87 19.01 -3.94
O5B NAP L . 19.28 20.47 -5.40
C5B NAP L . 17.99 21.02 -5.66
C4B NAP L . 17.81 21.34 -7.14
O4B NAP L . 16.45 21.77 -7.28
C3B NAP L . 18.71 22.49 -7.62
O3B NAP L . 19.10 22.27 -9.00
C2B NAP L . 17.83 23.73 -7.44
O2B NAP L . 18.19 24.85 -8.27
C1B NAP L . 16.48 23.11 -7.84
N9A NAP L . 15.35 23.94 -7.49
C8A NAP L . 14.97 24.31 -6.23
N7A NAP L . 13.85 25.04 -6.28
C5A NAP L . 13.51 25.14 -7.59
C6A NAP L . 12.44 25.81 -8.34
N6A NAP L . 11.52 26.51 -7.61
N1A NAP L . 12.39 25.69 -9.70
C2A NAP L . 13.34 24.97 -10.39
N3A NAP L . 14.36 24.35 -9.77
C4A NAP L . 14.50 24.41 -8.40
O3 NAP L . 18.37 18.44 -4.17
PN NAP L . 18.57 16.84 -3.94
O1N NAP L . 19.34 16.07 -5.01
O2N NAP L . 18.80 16.61 -2.44
O5D NAP L . 17.01 16.56 -4.27
C5D NAP L . 16.48 16.10 -5.52
C4D NAP L . 15.11 15.51 -5.30
O4D NAP L . 15.33 14.34 -4.43
C3D NAP L . 14.09 16.43 -4.63
O3D NAP L . 12.78 16.32 -5.23
C2D NAP L . 14.16 15.92 -3.17
O2D NAP L . 13.00 16.21 -2.42
C1D NAP L . 14.39 14.40 -3.41
N1N NAP L . 14.83 13.64 -2.24
C2N NAP L . 16.09 13.75 -1.77
C3N NAP L . 16.42 12.99 -0.62
C7N NAP L . 17.77 13.17 -0.07
O7N NAP L . 18.48 13.90 -0.76
N7N NAP L . 18.12 12.62 1.12
C4N NAP L . 15.49 12.18 0.04
C5N NAP L . 14.21 12.06 -0.42
C6N NAP L . 13.92 12.81 -1.62
P2B NAP L . 19.46 25.81 -7.84
O1X NAP L . 19.19 26.23 -6.41
O2X NAP L . 19.45 26.93 -8.87
O3X NAP L . 20.69 24.89 -7.98
PA NAP M . 5.23 -20.69 -16.89
O1A NAP M . 4.02 -21.53 -16.56
O2A NAP M . 5.42 -20.03 -18.22
O5B NAP M . 6.62 -21.30 -16.47
C5B NAP M . 6.74 -22.07 -15.29
C4B NAP M . 8.18 -22.33 -15.04
O4B NAP M . 8.20 -22.68 -13.67
C3B NAP M . 8.69 -23.61 -15.77
O3B NAP M . 10.07 -23.50 -15.77
C2B NAP M . 8.32 -24.74 -14.85
O2B NAP M . 9.14 -25.94 -14.91
C1B NAP M . 8.60 -24.04 -13.46
N9A NAP M . 8.01 -24.75 -12.29
C8A NAP M . 6.73 -25.01 -12.02
N7A NAP M . 6.53 -25.70 -10.87
C5A NAP M . 7.76 -25.83 -10.40
C6A NAP M . 8.32 -26.48 -9.21
N6A NAP M . 7.45 -27.04 -8.33
N1A NAP M . 9.63 -26.43 -9.00
C2A NAP M . 10.47 -25.83 -9.91
N3A NAP M . 10.04 -25.25 -11.03
C4A NAP M . 8.73 -25.22 -11.33
O3 NAP M . 5.21 -19.44 -15.81
PN NAP M . 5.37 -17.89 -16.10
O1N NAP M . 6.79 -17.61 -16.64
O2N NAP M . 4.14 -17.18 -16.60
O5D NAP M . 5.52 -17.58 -14.49
C5D NAP M . 6.74 -17.30 -13.89
C4D NAP M . 6.53 -16.62 -12.52
O4D NAP M . 5.94 -15.37 -12.82
C3D NAP M . 5.55 -17.34 -11.58
O3D NAP M . 6.06 -17.18 -10.21
C2D NAP M . 4.23 -16.63 -11.84
O2D NAP M . 3.34 -16.70 -10.67
C1D NAP M . 4.73 -15.21 -12.07
N1N NAP M . 3.76 -14.41 -12.75
C2N NAP M . 3.38 -14.70 -14.06
C3N NAP M . 2.48 -13.84 -14.66
C7N NAP M . 2.02 -14.10 -16.08
O7N NAP M . 2.65 -14.90 -16.81
N7N NAP M . 1.02 -13.40 -16.45
C4N NAP M . 1.95 -12.71 -13.96
C5N NAP M . 2.36 -12.45 -12.66
C6N NAP M . 3.31 -13.30 -12.10
P2B NAP M . 8.84 -26.98 -16.15
O1X NAP M . 9.22 -26.24 -17.38
O2X NAP M . 9.63 -28.21 -15.71
O3X NAP M . 7.43 -27.10 -16.26
C FMT N . -2.28 -10.12 -12.70
O1 FMT N . -2.92 -9.09 -12.39
O2 FMT N . -0.91 -10.16 -12.75
C FMT O . 27.54 -10.25 -13.89
O1 FMT O . 27.28 -9.05 -13.77
O2 FMT O . 28.81 -10.62 -14.01
PA NAP P . -3.41 -16.27 21.73
O1A NAP P . -2.02 -16.95 21.67
O2A NAP P . -3.58 -15.39 22.97
O5B NAP P . -4.72 -17.08 21.50
C5B NAP P . -4.71 -17.96 20.40
C4B NAP P . -6.10 -18.48 20.23
O4B NAP P . -6.05 -19.16 18.93
C3B NAP P . -6.52 -19.52 21.30
O3B NAP P . -7.94 -19.43 21.41
C2B NAP P . -6.09 -20.85 20.67
O2B NAP P . -6.90 -22.02 21.08
C1B NAP P . -6.39 -20.53 19.17
N9A NAP P . -5.70 -21.46 18.22
C8A NAP P . -4.38 -21.66 18.08
N7A NAP P . -4.13 -22.60 17.07
C5A NAP P . -5.36 -22.97 16.62
C6A NAP P . -5.90 -23.89 15.62
N6A NAP P . -5.01 -24.63 14.90
N1A NAP P . -7.23 -24.03 15.45
C2A NAP P . -8.12 -23.30 16.21
N3A NAP P . -7.69 -22.45 17.10
C4A NAP P . -6.39 -22.21 17.39
O3 NAP P . -3.30 -15.20 20.51
PN NAP P . -3.78 -13.66 20.31
O1N NAP P . -5.16 -13.43 20.84
O2N NAP P . -2.54 -12.84 20.59
O5D NAP P . -3.86 -13.73 18.64
C5D NAP P . -5.11 -13.73 17.97
C4D NAP P . -4.89 -13.39 16.49
O4D NAP P . -4.29 -12.08 16.48
C3D NAP P . -3.85 -14.28 15.82
O3D NAP P . -4.24 -14.52 14.44
C2D NAP P . -2.58 -13.47 15.87
O2D NAP P . -1.67 -13.78 14.78
C1D NAP P . -3.10 -12.00 15.76
N1N NAP P . -2.26 -10.98 16.25
C2N NAP P . -1.86 -10.89 17.55
C3N NAP P . -1.03 -9.91 17.97
C7N NAP P . -0.62 -9.76 19.43
O7N NAP P . -1.17 -10.47 20.32
N7N NAP P . 0.34 -8.88 19.61
C4N NAP P . -0.57 -8.94 17.03
C5N NAP P . -0.97 -9.04 15.69
C6N NAP P . -1.84 -10.01 15.33
P2B NAP P . -6.45 -22.65 22.52
O1X NAP P . -5.00 -22.58 22.78
O2X NAP P . -7.22 -23.97 22.49
O3X NAP P . -7.11 -21.74 23.56
C1 PEG Q . 6.71 -6.98 12.74
O1 PEG Q . 6.85 -8.15 13.72
C2 PEG Q . 8.09 -6.54 12.29
O2 PEG Q . 8.50 -5.30 11.75
C3 PEG Q . 9.38 -4.46 12.51
C4 PEG Q . 10.67 -4.01 11.80
O4 PEG Q . 10.49 -3.53 10.44
C FMT R . 18.72 -10.52 11.92
O1 FMT R . 19.03 -9.56 11.17
O2 FMT R . 19.51 -11.62 12.20
C FMT S . -0.52 2.42 11.27
O1 FMT S . -1.55 2.72 11.93
O2 FMT S . 0.05 3.23 10.30
#